data_3RUP
#
_entry.id   3RUP
#
_cell.length_a   170.180
_cell.length_b   58.843
_cell.length_c   85.083
_cell.angle_alpha   90.000
_cell.angle_beta   94.240
_cell.angle_gamma   90.000
#
_symmetry.space_group_name_H-M   'C 1 2 1'
#
loop_
_entity.id
_entity.type
_entity.pdbx_description
1 polymer 'Biotin carboxylase'
2 non-polymer "ADENOSINE-5'-DIPHOSPHATE"
3 non-polymer 'CALCIUM ION'
4 non-polymer 'CHLORIDE ION'
5 water water
#
_entity_poly.entity_id   1
_entity_poly.type   'polypeptide(L)'
_entity_poly.pdbx_seq_one_letter_code
;GSHMLDKIVIANRGEIALRILRACKELGIKTVAVHSSADRDLKHVLLADETVCIGPAPSVKSYLNIPAIISAAEITGAVA
IHPGYGFLSENANFAEQVERSGFIFIGPKAETIRLMGDKVSAIAAMKKAGVPCVPGSDGPLGDDMDKNRAIAKRIGYPVI
IKASGGGGGRGMRVVRGDAELAQSISMTRAEAKAAFSNDMVYMEKYLENPRHVEIQVLADGQGNAIYLAERDCSMQRRHQ
KVVEEAPAPGITPELRRYIGERCAKACVDIGYRGAGTFEFLFENGEFYFIEMNTRIQVEHPVTEMITGVDLIKEQLRIAA
GQPLSIKQEEVHVRGHAVECRINAEDPNTFLPSPGKITRFHAPGGFGVRWESHIYAGYTVPPYYDSMIGKLICYGENRDV
AIARMKNALQELIIDGIKTNVDLQIRIMNDENFQHGGTNIHYLEKKLGLQEK
;
_entity_poly.pdbx_strand_id   A,B
#
loop_
_chem_comp.id
_chem_comp.type
_chem_comp.name
_chem_comp.formula
ADP non-polymer ADENOSINE-5'-DIPHOSPHATE 'C10 H15 N5 O10 P2'
CA non-polymer 'CALCIUM ION' 'Ca 2'
CL non-polymer 'CHLORIDE ION' 'Cl -1'
#
# COMPACT_ATOMS: atom_id res chain seq x y z
N MET A 4 5.11 7.46 -25.83
CA MET A 4 4.90 8.06 -24.48
C MET A 4 5.55 9.45 -24.39
N LEU A 5 4.90 10.34 -23.62
CA LEU A 5 5.42 11.68 -23.35
C LEU A 5 6.84 11.64 -22.82
N ASP A 6 7.72 12.42 -23.44
CA ASP A 6 9.12 12.44 -23.03
C ASP A 6 9.35 13.12 -21.67
N LYS A 7 8.68 14.25 -21.46
CA LYS A 7 8.96 15.11 -20.31
C LYS A 7 7.72 15.95 -20.03
N ILE A 8 7.34 16.10 -18.76
CA ILE A 8 6.20 16.94 -18.42
C ILE A 8 6.49 17.89 -17.26
N VAL A 9 5.85 19.05 -17.32
CA VAL A 9 5.78 19.97 -16.20
C VAL A 9 4.60 19.55 -15.33
N ILE A 10 4.85 19.44 -14.01
CA ILE A 10 3.79 19.19 -13.05
C ILE A 10 3.39 20.54 -12.45
N ALA A 11 2.32 21.10 -12.99
CA ALA A 11 1.87 22.45 -12.64
C ALA A 11 0.94 22.41 -11.42
N ASN A 12 1.53 22.00 -10.29
CA ASN A 12 0.81 21.90 -9.02
C ASN A 12 1.81 21.71 -7.89
N ARG A 13 1.32 21.35 -6.71
CA ARG A 13 2.14 21.29 -5.48
C ARG A 13 1.62 20.20 -4.55
N GLY A 14 2.29 20.01 -3.42
CA GLY A 14 1.77 19.13 -2.37
C GLY A 14 1.60 17.68 -2.76
N GLU A 15 0.53 17.06 -2.26
CA GLU A 15 0.37 15.62 -2.42
C GLU A 15 0.13 15.23 -3.89
N ILE A 16 -0.63 16.03 -4.62
CA ILE A 16 -0.98 15.67 -6.00
C ILE A 16 0.22 15.77 -6.96
N ALA A 17 1.06 16.78 -6.75
CA ALA A 17 2.31 16.89 -7.51
C ALA A 17 3.20 15.66 -7.30
N LEU A 18 3.24 15.15 -6.07
CA LEU A 18 4.01 13.95 -5.76
C LEU A 18 3.39 12.69 -6.36
N ARG A 19 2.06 12.62 -6.31
CA ARG A 19 1.29 11.56 -6.95
C ARG A 19 1.63 11.50 -8.45
N ILE A 20 1.67 12.67 -9.08
CA ILE A 20 1.91 12.75 -10.51
C ILE A 20 3.37 12.41 -10.82
N LEU A 21 4.28 12.93 -10.00
CA LEU A 21 5.70 12.59 -10.13
C LEU A 21 5.94 11.08 -10.09
N ARG A 22 5.34 10.39 -9.12
CA ARG A 22 5.48 8.93 -9.04
C ARG A 22 5.02 8.23 -10.30
N ALA A 23 3.82 8.56 -10.79
CA ALA A 23 3.31 7.96 -12.03
C ALA A 23 4.26 8.21 -13.20
N CYS A 24 4.72 9.45 -13.33
CA CYS A 24 5.73 9.80 -14.35
C CYS A 24 6.93 8.86 -14.26
N LYS A 25 7.52 8.77 -13.07
CA LYS A 25 8.71 7.93 -12.87
C LYS A 25 8.51 6.48 -13.31
N GLU A 26 7.34 5.90 -12.99
CA GLU A 26 7.00 4.51 -13.37
C GLU A 26 6.98 4.33 -14.88
N LEU A 27 6.52 5.37 -15.59
CA LEU A 27 6.40 5.32 -17.02
C LEU A 27 7.66 5.83 -17.74
N GLY A 28 8.69 6.18 -16.96
CA GLY A 28 9.96 6.70 -17.51
C GLY A 28 9.89 8.08 -18.14
N ILE A 29 8.88 8.86 -17.74
CA ILE A 29 8.67 10.23 -18.19
C ILE A 29 9.48 11.18 -17.31
N LYS A 30 10.30 12.02 -17.94
CA LYS A 30 11.08 13.04 -17.22
C LYS A 30 10.17 14.08 -16.56
N THR A 31 10.58 14.57 -15.40
CA THR A 31 9.72 15.45 -14.60
C THR A 31 10.33 16.83 -14.41
N VAL A 32 9.48 17.84 -14.55
CA VAL A 32 9.81 19.22 -14.26
C VAL A 32 8.88 19.69 -13.15
N ALA A 33 9.45 20.03 -12.00
CA ALA A 33 8.67 20.60 -10.93
C ALA A 33 8.77 22.12 -10.95
N VAL A 34 7.63 22.76 -11.23
CA VAL A 34 7.50 24.21 -11.07
C VAL A 34 6.97 24.51 -9.67
N HIS A 35 7.59 25.47 -9.00
CA HIS A 35 7.27 25.77 -7.61
C HIS A 35 7.41 27.25 -7.28
N SER A 36 6.66 27.68 -6.27
CA SER A 36 6.84 28.99 -5.67
C SER A 36 8.08 28.98 -4.76
N SER A 37 8.51 30.17 -4.38
CA SER A 37 9.69 30.31 -3.52
C SER A 37 9.43 29.79 -2.10
N ALA A 38 8.17 29.59 -1.76
CA ALA A 38 7.79 29.00 -0.46
C ALA A 38 7.82 27.48 -0.50
N ASP A 39 7.83 26.92 -1.70
CA ASP A 39 7.72 25.47 -1.90
C ASP A 39 8.98 24.76 -2.36
N ARG A 40 10.16 25.36 -2.10
CA ARG A 40 11.43 24.76 -2.52
C ARG A 40 11.74 23.41 -1.86
N ASP A 41 11.14 23.18 -0.70
CA ASP A 41 11.47 21.97 0.05
C ASP A 41 10.33 20.92 -0.01
N LEU A 42 9.42 21.09 -0.96
CA LEU A 42 8.38 20.09 -1.24
C LEU A 42 9.03 18.79 -1.63
N LYS A 43 8.51 17.69 -1.12
CA LYS A 43 9.07 16.39 -1.41
C LYS A 43 9.24 16.12 -2.91
N HIS A 44 8.25 16.48 -3.72
CA HIS A 44 8.33 16.18 -5.16
C HIS A 44 9.30 17.13 -5.88
N VAL A 45 9.50 18.33 -5.35
CA VAL A 45 10.49 19.26 -5.91
C VAL A 45 11.89 18.63 -5.78
N LEU A 46 12.17 18.11 -4.60
CA LEU A 46 13.44 17.44 -4.30
C LEU A 46 13.64 16.13 -5.10
N LEU A 47 12.55 15.48 -5.52
CA LEU A 47 12.63 14.24 -6.30
C LEU A 47 12.64 14.44 -7.83
N ALA A 48 12.23 15.63 -8.29
CA ALA A 48 12.05 15.90 -9.71
C ALA A 48 13.37 15.98 -10.44
N ASP A 49 13.37 15.66 -11.73
CA ASP A 49 14.58 15.73 -12.56
C ASP A 49 15.02 17.17 -12.74
N GLU A 50 14.06 18.07 -12.99
CA GLU A 50 14.33 19.49 -13.17
C GLU A 50 13.35 20.26 -12.32
N THR A 51 13.74 21.45 -11.88
CA THR A 51 12.89 22.33 -11.09
C THR A 51 12.99 23.74 -11.64
N VAL A 52 11.86 24.45 -11.68
CA VAL A 52 11.84 25.86 -12.07
C VAL A 52 11.01 26.65 -11.08
N CYS A 53 11.64 27.65 -10.45
CA CYS A 53 10.88 28.58 -9.63
C CYS A 53 10.07 29.55 -10.49
N ILE A 54 8.76 29.56 -10.29
CA ILE A 54 7.81 30.31 -11.13
C ILE A 54 7.24 31.56 -10.46
N GLY A 55 7.74 31.87 -9.26
CA GLY A 55 7.37 33.12 -8.60
C GLY A 55 7.37 33.04 -7.09
N PRO A 56 6.99 34.15 -6.42
CA PRO A 56 6.96 34.14 -4.97
C PRO A 56 5.73 33.39 -4.44
N ALA A 57 5.58 33.37 -3.13
CA ALA A 57 4.64 32.51 -2.44
C ALA A 57 3.17 32.62 -2.84
N PRO A 58 2.64 33.86 -2.96
CA PRO A 58 1.20 33.87 -3.25
C PRO A 58 0.89 33.11 -4.54
N SER A 59 -0.19 32.31 -4.52
CA SER A 59 -0.62 31.51 -5.67
C SER A 59 -0.82 32.35 -6.92
N VAL A 60 -1.45 33.51 -6.76
CA VAL A 60 -1.68 34.44 -7.86
C VAL A 60 -0.38 34.75 -8.61
N LYS A 61 0.75 34.73 -7.91
CA LYS A 61 2.03 35.05 -8.50
C LYS A 61 2.83 33.83 -8.99
N SER A 62 2.37 32.63 -8.63
CA SER A 62 3.10 31.41 -8.96
C SER A 62 2.23 30.33 -9.61
N TYR A 63 1.44 29.61 -8.82
CA TYR A 63 0.66 28.48 -9.35
C TYR A 63 -0.47 28.88 -10.31
N LEU A 64 -0.84 30.16 -10.31
CA LEU A 64 -1.85 30.67 -11.24
C LEU A 64 -1.18 31.55 -12.29
N ASN A 65 0.15 31.54 -12.32
CA ASN A 65 0.92 32.40 -13.21
C ASN A 65 1.10 31.68 -14.55
N ILE A 66 0.12 31.84 -15.44
CA ILE A 66 0.04 31.07 -16.71
C ILE A 66 1.31 31.21 -17.59
N PRO A 67 1.76 32.47 -17.86
CA PRO A 67 2.98 32.62 -18.68
C PRO A 67 4.27 32.05 -18.03
N ALA A 68 4.40 32.14 -16.71
CA ALA A 68 5.55 31.51 -16.02
C ALA A 68 5.56 29.99 -16.18
N ILE A 69 4.40 29.36 -16.04
CA ILE A 69 4.26 27.90 -16.17
C ILE A 69 4.53 27.44 -17.61
N ILE A 70 3.95 28.15 -18.58
CA ILE A 70 4.14 27.79 -19.98
C ILE A 70 5.58 28.02 -20.41
N SER A 71 6.19 29.10 -19.93
CA SER A 71 7.63 29.34 -20.18
C SER A 71 8.53 28.28 -19.56
N ALA A 72 8.17 27.79 -18.38
CA ALA A 72 8.90 26.72 -17.73
C ALA A 72 8.94 25.46 -18.61
N ALA A 73 7.83 25.17 -19.28
CA ALA A 73 7.78 24.05 -20.23
C ALA A 73 8.74 24.26 -21.40
N GLU A 74 8.76 25.47 -21.94
CA GLU A 74 9.69 25.79 -23.03
C GLU A 74 11.16 25.70 -22.61
N ILE A 75 11.53 26.30 -21.47
CA ILE A 75 12.93 26.30 -21.05
C ILE A 75 13.50 24.91 -20.75
N THR A 76 12.64 23.96 -20.36
CA THR A 76 13.06 22.61 -20.03
C THR A 76 12.85 21.61 -21.16
N GLY A 77 12.21 22.06 -22.25
CA GLY A 77 11.92 21.19 -23.39
C GLY A 77 10.90 20.10 -23.09
N ALA A 78 9.96 20.41 -22.20
CA ALA A 78 8.87 19.50 -21.84
C ALA A 78 7.88 19.48 -22.98
N VAL A 79 7.09 18.42 -23.09
CA VAL A 79 6.13 18.33 -24.18
C VAL A 79 4.67 18.43 -23.72
N ALA A 80 4.45 18.36 -22.40
CA ALA A 80 3.11 18.35 -21.84
C ALA A 80 3.07 18.98 -20.43
N ILE A 81 1.88 19.41 -20.00
CA ILE A 81 1.70 19.99 -18.65
C ILE A 81 0.52 19.31 -17.95
N HIS A 82 0.76 18.77 -16.76
CA HIS A 82 -0.28 18.19 -15.93
C HIS A 82 -0.65 19.20 -14.84
N PRO A 83 -1.92 19.69 -14.88
CA PRO A 83 -2.42 20.74 -13.98
C PRO A 83 -2.88 20.25 -12.59
N GLY A 84 -2.90 18.93 -12.38
CA GLY A 84 -3.45 18.33 -11.15
C GLY A 84 -4.91 18.70 -10.90
N TYR A 85 -5.23 19.11 -9.68
CA TYR A 85 -6.57 19.58 -9.33
C TYR A 85 -6.45 20.97 -8.70
N GLY A 86 -7.52 21.74 -8.71
CA GLY A 86 -7.49 23.08 -8.21
C GLY A 86 -6.68 23.93 -9.18
N PHE A 87 -6.20 25.04 -8.73
CA PHE A 87 -5.38 25.92 -9.55
C PHE A 87 -5.92 26.06 -10.97
N LEU A 88 -5.08 25.86 -11.96
CA LEU A 88 -5.51 26.10 -13.32
C LEU A 88 -6.16 24.90 -14.03
N SER A 89 -6.40 23.79 -13.31
CA SER A 89 -6.87 22.56 -13.95
C SER A 89 -8.23 22.66 -14.66
N GLU A 90 -9.10 23.52 -14.14
CA GLU A 90 -10.39 23.76 -14.79
C GLU A 90 -10.45 25.14 -15.46
N ASN A 91 -9.28 25.65 -15.87
CA ASN A 91 -9.16 26.96 -16.49
C ASN A 91 -8.97 26.79 -17.98
N ALA A 92 -10.04 27.02 -18.74
CA ALA A 92 -10.04 26.89 -20.20
C ALA A 92 -9.04 27.80 -20.92
N ASN A 93 -8.83 29.01 -20.38
CA ASN A 93 -7.85 29.94 -20.94
C ASN A 93 -6.45 29.33 -20.90
N PHE A 94 -6.09 28.76 -19.74
CA PHE A 94 -4.81 28.08 -19.55
C PHE A 94 -4.67 26.91 -20.52
N ALA A 95 -5.69 26.06 -20.60
CA ALA A 95 -5.64 24.92 -21.51
C ALA A 95 -5.36 25.36 -22.96
N GLU A 96 -6.07 26.40 -23.39
CA GLU A 96 -5.90 27.00 -24.72
C GLU A 96 -4.47 27.47 -24.93
N GLN A 97 -3.97 28.24 -23.96
CA GLN A 97 -2.63 28.84 -24.07
C GLN A 97 -1.52 27.80 -24.07
N VAL A 98 -1.72 26.71 -23.34
CA VAL A 98 -0.78 25.59 -23.31
C VAL A 98 -0.65 24.99 -24.72
N GLU A 99 -1.79 24.68 -25.33
CA GLU A 99 -1.81 24.11 -26.69
C GLU A 99 -1.26 25.08 -27.74
N ARG A 100 -1.60 26.36 -27.64
CA ARG A 100 -1.15 27.34 -28.63
C ARG A 100 0.34 27.63 -28.55
N SER A 101 0.95 27.36 -27.39
CA SER A 101 2.42 27.43 -27.27
C SER A 101 3.12 26.12 -27.65
N GLY A 102 2.35 25.13 -28.13
CA GLY A 102 2.92 23.89 -28.67
C GLY A 102 3.02 22.74 -27.68
N PHE A 103 2.33 22.83 -26.55
CA PHE A 103 2.42 21.79 -25.54
C PHE A 103 1.11 21.03 -25.40
N ILE A 104 1.20 19.78 -24.96
CA ILE A 104 0.00 18.97 -24.72
C ILE A 104 -0.53 19.34 -23.34
N PHE A 105 -1.81 19.64 -23.28
CA PHE A 105 -2.49 19.86 -22.01
C PHE A 105 -3.05 18.52 -21.55
N ILE A 106 -2.59 18.06 -20.38
CA ILE A 106 -3.05 16.78 -19.85
C ILE A 106 -4.42 17.00 -19.20
N GLY A 107 -5.45 16.91 -20.05
CA GLY A 107 -6.82 17.14 -19.66
C GLY A 107 -7.70 17.18 -20.89
N PRO A 108 -8.92 17.71 -20.76
CA PRO A 108 -9.87 17.77 -21.88
C PRO A 108 -9.52 18.93 -22.82
N LYS A 109 -10.15 18.94 -23.98
CA LYS A 109 -10.01 20.07 -24.89
C LYS A 109 -10.50 21.33 -24.17
N ALA A 110 -9.94 22.48 -24.52
CA ALA A 110 -10.35 23.75 -23.93
C ALA A 110 -11.86 24.00 -24.04
N GLU A 111 -12.45 23.73 -25.21
CA GLU A 111 -13.91 23.87 -25.41
C GLU A 111 -14.74 22.98 -24.45
N THR A 112 -14.21 21.82 -24.07
CA THR A 112 -14.90 20.94 -23.14
C THR A 112 -14.83 21.48 -21.72
N ILE A 113 -13.70 22.11 -21.39
CA ILE A 113 -13.56 22.80 -20.09
C ILE A 113 -14.54 23.96 -19.97
N ARG A 114 -14.70 24.76 -21.04
CA ARG A 114 -15.74 25.80 -21.08
C ARG A 114 -17.15 25.23 -20.99
N LEU A 115 -17.38 24.15 -21.72
CA LEU A 115 -18.69 23.50 -21.72
C LEU A 115 -19.06 22.96 -20.34
N MET A 116 -18.16 22.15 -19.77
CA MET A 116 -18.46 21.35 -18.58
C MET A 116 -17.78 21.83 -17.28
N GLY A 117 -16.75 22.65 -17.42
CA GLY A 117 -16.02 23.20 -16.29
C GLY A 117 -16.78 24.30 -15.60
N ASP A 118 -17.34 25.21 -16.41
CA ASP A 118 -18.24 26.21 -15.89
C ASP A 118 -19.57 25.56 -15.47
N LYS A 119 -19.99 25.83 -14.23
CA LYS A 119 -21.07 25.06 -13.61
C LYS A 119 -22.46 25.41 -14.13
N VAL A 120 -22.66 26.69 -14.48
CA VAL A 120 -23.91 27.11 -15.15
C VAL A 120 -24.05 26.42 -16.53
N SER A 121 -23.02 26.47 -17.37
CA SER A 121 -23.17 25.86 -18.68
C SER A 121 -23.14 24.33 -18.69
N ALA A 122 -22.51 23.73 -17.67
CA ALA A 122 -22.56 22.26 -17.47
C ALA A 122 -23.98 21.77 -17.20
N ILE A 123 -24.69 22.46 -16.33
CA ILE A 123 -26.10 22.16 -16.03
C ILE A 123 -26.93 22.27 -17.31
N ALA A 124 -26.77 23.40 -18.03
CA ALA A 124 -27.45 23.60 -19.31
C ALA A 124 -27.16 22.46 -20.27
N ALA A 125 -25.91 22.01 -20.32
CA ALA A 125 -25.50 20.94 -21.23
C ALA A 125 -26.13 19.60 -20.84
N MET A 126 -26.16 19.32 -19.54
CA MET A 126 -26.71 18.05 -19.04
C MET A 126 -28.23 17.97 -19.22
N LYS A 127 -28.92 19.08 -18.97
CA LYS A 127 -30.36 19.17 -19.24
C LYS A 127 -30.65 18.91 -20.72
N LYS A 128 -29.87 19.55 -21.59
CA LYS A 128 -29.96 19.33 -23.04
C LYS A 128 -29.74 17.86 -23.42
N ALA A 129 -28.86 17.18 -22.67
CA ALA A 129 -28.53 15.77 -22.89
C ALA A 129 -29.57 14.81 -22.32
N GLY A 130 -30.53 15.33 -21.56
CA GLY A 130 -31.52 14.46 -20.92
C GLY A 130 -31.01 13.81 -19.65
N VAL A 131 -30.04 14.46 -19.00
CA VAL A 131 -29.52 14.02 -17.71
C VAL A 131 -30.18 14.86 -16.61
N PRO A 132 -30.90 14.22 -15.67
CA PRO A 132 -31.56 14.96 -14.58
C PRO A 132 -30.59 15.85 -13.78
N CYS A 133 -30.98 17.10 -13.60
CA CYS A 133 -30.25 18.03 -12.74
C CYS A 133 -31.14 18.51 -11.61
N VAL A 134 -30.57 19.30 -10.70
CA VAL A 134 -31.36 19.86 -9.60
C VAL A 134 -32.11 21.10 -10.13
N PRO A 135 -33.42 21.22 -9.82
CA PRO A 135 -34.13 22.44 -10.22
C PRO A 135 -33.38 23.70 -9.78
N GLY A 136 -33.31 24.70 -10.65
CA GLY A 136 -32.64 25.94 -10.31
C GLY A 136 -32.94 27.09 -11.26
N SER A 137 -32.13 28.14 -11.16
CA SER A 137 -32.27 29.32 -12.00
C SER A 137 -32.02 29.04 -13.47
N ASP A 138 -31.38 27.92 -13.77
CA ASP A 138 -31.04 27.55 -15.15
C ASP A 138 -30.42 28.73 -15.92
N GLY A 139 -29.46 29.36 -15.25
CA GLY A 139 -28.76 30.50 -15.80
C GLY A 139 -28.27 31.43 -14.69
N PRO A 140 -27.47 32.44 -15.08
CA PRO A 140 -26.86 33.30 -14.08
C PRO A 140 -27.90 34.23 -13.48
N LEU A 141 -27.78 34.49 -12.17
CA LEU A 141 -28.62 35.49 -11.52
C LEU A 141 -28.15 36.90 -11.89
N GLY A 142 -29.11 37.77 -12.17
CA GLY A 142 -28.83 39.19 -12.37
C GLY A 142 -29.07 39.95 -11.08
N ASP A 143 -29.23 41.27 -11.21
CA ASP A 143 -29.33 42.15 -10.05
C ASP A 143 -30.78 42.48 -9.63
N ASP A 144 -31.75 41.99 -10.40
CA ASP A 144 -33.17 42.25 -10.11
C ASP A 144 -33.69 41.35 -8.99
N MET A 145 -33.82 41.91 -7.79
CA MET A 145 -34.26 41.14 -6.62
C MET A 145 -35.68 40.59 -6.71
N ASP A 146 -36.57 41.24 -7.47
CA ASP A 146 -37.90 40.68 -7.71
C ASP A 146 -37.76 39.38 -8.50
N LYS A 147 -36.93 39.42 -9.55
CA LYS A 147 -36.67 38.25 -10.37
C LYS A 147 -36.02 37.13 -9.55
N ASN A 148 -35.08 37.48 -8.68
CA ASN A 148 -34.43 36.49 -7.82
C ASN A 148 -35.41 35.83 -6.85
N ARG A 149 -36.20 36.64 -6.15
CA ARG A 149 -37.31 36.13 -5.32
C ARG A 149 -38.26 35.23 -6.09
N ALA A 150 -38.56 35.58 -7.34
CA ALA A 150 -39.49 34.80 -8.16
C ALA A 150 -38.95 33.41 -8.51
N ILE A 151 -37.65 33.33 -8.81
CA ILE A 151 -36.98 32.05 -9.05
C ILE A 151 -37.00 31.18 -7.78
N ALA A 152 -36.69 31.81 -6.64
CA ALA A 152 -36.71 31.12 -5.35
C ALA A 152 -38.08 30.50 -5.05
N LYS A 153 -39.14 31.26 -5.34
CA LYS A 153 -40.50 30.83 -5.13
C LYS A 153 -40.86 29.66 -6.05
N ARG A 154 -40.38 29.71 -7.29
CA ARG A 154 -40.67 28.67 -8.27
C ARG A 154 -40.07 27.33 -7.89
N ILE A 155 -38.82 27.34 -7.44
CA ILE A 155 -38.17 26.09 -7.07
C ILE A 155 -38.51 25.65 -5.64
N GLY A 156 -38.77 26.62 -4.76
CA GLY A 156 -39.22 26.29 -3.41
C GLY A 156 -38.09 26.45 -2.43
N TYR A 157 -38.24 27.26 -1.39
CA TYR A 157 -37.27 27.29 -0.29
C TYR A 157 -37.18 25.93 0.43
N PRO A 158 -36.00 25.60 1.00
CA PRO A 158 -34.78 26.41 0.95
C PRO A 158 -34.12 26.42 -0.44
N VAL A 159 -33.14 27.34 -0.68
CA VAL A 159 -32.28 27.34 -1.89
C VAL A 159 -30.77 27.54 -1.55
N ILE A 160 -29.90 27.41 -2.55
CA ILE A 160 -28.50 27.70 -2.34
C ILE A 160 -27.99 28.55 -3.50
N ILE A 161 -27.24 29.59 -3.15
CA ILE A 161 -26.59 30.44 -4.13
C ILE A 161 -25.20 29.86 -4.35
N LYS A 162 -24.91 29.52 -5.62
CA LYS A 162 -23.69 28.81 -5.98
C LYS A 162 -22.88 29.57 -7.03
N ALA A 163 -21.57 29.69 -6.79
CA ALA A 163 -20.61 30.27 -7.75
C ALA A 163 -20.41 29.35 -8.96
N SER A 164 -20.55 29.91 -10.16
CA SER A 164 -20.35 29.15 -11.39
C SER A 164 -18.90 28.68 -11.51
N GLY A 165 -17.98 29.47 -10.99
CA GLY A 165 -16.56 29.11 -11.00
C GLY A 165 -16.08 28.56 -9.66
N GLY A 166 -17.02 28.16 -8.82
CA GLY A 166 -16.71 27.76 -7.46
C GLY A 166 -15.98 26.43 -7.33
N GLY A 167 -15.14 26.32 -6.30
CA GLY A 167 -14.47 25.06 -5.97
C GLY A 167 -14.22 24.91 -4.47
N GLY A 168 -14.01 23.68 -4.01
CA GLY A 168 -13.74 23.40 -2.60
C GLY A 168 -14.82 23.87 -1.64
N GLY A 169 -16.05 24.00 -2.14
CA GLY A 169 -17.17 24.47 -1.33
C GLY A 169 -17.19 25.97 -1.04
N ARG A 170 -16.25 26.72 -1.61
CA ARG A 170 -16.23 28.18 -1.48
C ARG A 170 -17.17 28.82 -2.50
N GLY A 171 -17.85 29.90 -2.12
CA GLY A 171 -18.80 30.55 -3.02
C GLY A 171 -20.14 29.83 -3.03
N MET A 172 -20.58 29.43 -1.85
CA MET A 172 -21.86 28.75 -1.70
C MET A 172 -22.53 29.22 -0.42
N ARG A 173 -23.79 29.62 -0.54
CA ARG A 173 -24.57 30.07 0.61
C ARG A 173 -26.00 29.58 0.56
N VAL A 174 -26.42 28.89 1.62
CA VAL A 174 -27.80 28.41 1.78
C VAL A 174 -28.71 29.58 2.19
N VAL A 175 -29.89 29.66 1.57
CA VAL A 175 -30.87 30.70 1.87
C VAL A 175 -32.19 30.04 2.22
N ARG A 176 -32.71 30.37 3.42
CA ARG A 176 -33.93 29.76 3.95
C ARG A 176 -35.21 30.56 3.61
N GLY A 177 -35.04 31.81 3.18
CA GLY A 177 -36.18 32.69 2.93
C GLY A 177 -35.81 34.04 2.35
N ASP A 178 -36.83 34.77 1.89
CA ASP A 178 -36.68 36.08 1.24
C ASP A 178 -35.82 37.06 2.01
N ALA A 179 -35.98 37.10 3.33
CA ALA A 179 -35.27 38.07 4.15
C ALA A 179 -33.73 38.02 4.04
N GLU A 180 -33.20 36.85 3.69
CA GLU A 180 -31.74 36.64 3.64
C GLU A 180 -31.20 36.60 2.22
N LEU A 181 -32.10 36.55 1.24
CA LEU A 181 -31.74 36.36 -0.16
C LEU A 181 -30.77 37.40 -0.75
N ALA A 182 -31.06 38.68 -0.53
CA ALA A 182 -30.22 39.75 -1.10
C ALA A 182 -28.79 39.76 -0.58
N GLN A 183 -28.62 39.66 0.75
CA GLN A 183 -27.29 39.72 1.36
C GLN A 183 -26.49 38.44 1.06
N SER A 184 -27.21 37.33 0.92
CA SER A 184 -26.59 36.06 0.51
C SER A 184 -26.07 36.09 -0.92
N ILE A 185 -26.85 36.64 -1.85
CA ILE A 185 -26.43 36.75 -3.25
C ILE A 185 -25.24 37.70 -3.35
N SER A 186 -25.32 38.82 -2.63
CA SER A 186 -24.26 39.81 -2.57
C SER A 186 -22.96 39.25 -1.97
N MET A 187 -23.06 38.57 -0.83
CA MET A 187 -21.88 37.95 -0.19
C MET A 187 -21.22 36.87 -1.06
N THR A 188 -22.03 35.98 -1.63
CA THR A 188 -21.53 34.90 -2.50
C THR A 188 -20.78 35.46 -3.71
N ARG A 189 -21.35 36.49 -4.33
CA ARG A 189 -20.70 37.21 -5.44
C ARG A 189 -19.32 37.74 -5.07
N ALA A 190 -19.21 38.34 -3.89
CA ALA A 190 -17.97 38.92 -3.38
C ALA A 190 -16.93 37.84 -3.09
N GLU A 191 -17.35 36.76 -2.45
CA GLU A 191 -16.47 35.61 -2.22
C GLU A 191 -15.98 34.99 -3.52
N ALA A 192 -16.90 34.80 -4.47
CA ALA A 192 -16.56 34.20 -5.76
C ALA A 192 -15.64 35.08 -6.61
N LYS A 193 -15.84 36.40 -6.51
CA LYS A 193 -15.00 37.37 -7.24
C LYS A 193 -13.58 37.36 -6.67
N ALA A 194 -13.47 37.28 -5.34
CA ALA A 194 -12.19 37.23 -4.63
C ALA A 194 -11.42 35.93 -4.91
N ALA A 195 -12.06 34.79 -4.66
CA ALA A 195 -11.42 33.48 -4.80
C ALA A 195 -11.19 33.03 -6.24
N PHE A 196 -12.11 33.39 -7.15
CA PHE A 196 -12.09 32.80 -8.49
C PHE A 196 -12.04 33.77 -9.65
N SER A 197 -12.04 35.08 -9.32
CA SER A 197 -12.11 36.16 -10.33
C SER A 197 -13.29 36.01 -11.28
N ASN A 198 -14.43 35.60 -10.72
CA ASN A 198 -15.65 35.31 -11.48
C ASN A 198 -16.82 35.44 -10.51
N ASP A 199 -17.62 36.49 -10.68
CA ASP A 199 -18.73 36.76 -9.77
C ASP A 199 -20.09 36.24 -10.22
N MET A 200 -20.09 35.41 -11.27
CA MET A 200 -21.31 34.74 -11.72
C MET A 200 -21.80 33.70 -10.69
N VAL A 201 -23.07 33.83 -10.31
CA VAL A 201 -23.71 32.89 -9.39
C VAL A 201 -25.02 32.41 -10.01
N TYR A 202 -25.47 31.24 -9.58
CA TYR A 202 -26.77 30.74 -9.97
C TYR A 202 -27.49 30.28 -8.71
N MET A 203 -28.77 29.92 -8.86
CA MET A 203 -29.57 29.44 -7.74
C MET A 203 -29.94 27.99 -7.99
N GLU A 204 -29.89 27.20 -6.92
CA GLU A 204 -30.24 25.78 -7.00
C GLU A 204 -31.10 25.43 -5.80
N LYS A 205 -32.04 24.50 -5.99
CA LYS A 205 -32.86 24.01 -4.90
C LYS A 205 -32.01 23.27 -3.90
N TYR A 206 -32.12 23.62 -2.63
CA TYR A 206 -31.36 22.95 -1.57
C TYR A 206 -32.02 21.63 -1.18
N LEU A 207 -31.34 20.53 -1.48
CA LEU A 207 -31.89 19.20 -1.21
C LEU A 207 -31.66 18.79 0.25
N GLU A 208 -32.72 18.27 0.85
CA GLU A 208 -32.82 18.01 2.30
C GLU A 208 -32.10 16.74 2.76
N ASN A 209 -32.23 15.65 1.99
CA ASN A 209 -31.73 14.34 2.43
C ASN A 209 -30.89 13.57 1.39
N PRO A 210 -30.07 14.27 0.56
CA PRO A 210 -29.37 13.47 -0.44
C PRO A 210 -28.02 12.97 0.07
N ARG A 211 -27.48 11.97 -0.62
CA ARG A 211 -26.09 11.60 -0.49
C ARG A 211 -25.31 12.16 -1.67
N HIS A 212 -24.01 12.43 -1.46
CA HIS A 212 -23.12 12.81 -2.55
C HIS A 212 -22.51 11.55 -3.16
N VAL A 213 -22.91 11.23 -4.38
CA VAL A 213 -22.43 10.05 -5.08
C VAL A 213 -21.96 10.45 -6.46
N GLU A 214 -20.71 10.14 -6.76
CA GLU A 214 -20.08 10.55 -8.02
C GLU A 214 -19.47 9.38 -8.77
N ILE A 215 -19.45 9.49 -10.09
CA ILE A 215 -18.99 8.43 -10.96
C ILE A 215 -17.70 8.86 -11.68
N GLN A 216 -16.66 8.05 -11.51
CA GLN A 216 -15.38 8.25 -12.19
C GLN A 216 -15.49 7.78 -13.67
N VAL A 217 -15.03 8.64 -14.58
CA VAL A 217 -15.00 8.28 -16.00
C VAL A 217 -13.60 8.44 -16.55
N LEU A 218 -13.36 7.74 -17.65
CA LEU A 218 -12.13 7.84 -18.40
C LEU A 218 -12.54 7.78 -19.86
N ALA A 219 -12.09 8.75 -20.65
CA ALA A 219 -12.40 8.78 -22.09
C ALA A 219 -11.16 9.16 -22.89
N ASP A 220 -11.00 8.59 -24.10
CA ASP A 220 -9.77 8.81 -24.86
C ASP A 220 -9.85 9.94 -25.88
N GLY A 221 -11.04 10.51 -26.05
CA GLY A 221 -11.26 11.58 -27.01
C GLY A 221 -11.43 11.04 -28.43
N GLN A 222 -11.33 9.71 -28.56
CA GLN A 222 -11.43 9.03 -29.85
C GLN A 222 -12.82 8.37 -29.99
N GLY A 223 -13.63 8.45 -28.94
CA GLY A 223 -14.99 7.94 -28.97
C GLY A 223 -15.27 6.77 -28.04
N ASN A 224 -14.24 6.35 -27.31
CA ASN A 224 -14.33 5.34 -26.27
C ASN A 224 -14.37 5.99 -24.90
N ALA A 225 -15.27 5.51 -24.06
CA ALA A 225 -15.39 6.00 -22.69
C ALA A 225 -15.83 4.86 -21.79
N ILE A 226 -15.33 4.86 -20.56
CA ILE A 226 -15.70 3.86 -19.56
C ILE A 226 -16.02 4.58 -18.25
N TYR A 227 -16.78 3.91 -17.39
CA TYR A 227 -16.99 4.37 -16.02
C TYR A 227 -16.29 3.40 -15.06
N LEU A 228 -15.75 3.95 -13.98
CA LEU A 228 -15.03 3.15 -13.01
C LEU A 228 -15.71 3.20 -11.66
N ALA A 229 -16.89 2.58 -11.61
CA ALA A 229 -17.74 2.54 -10.42
C ALA A 229 -18.02 3.94 -9.87
N GLU A 230 -18.35 4.01 -8.59
CA GLU A 230 -18.75 5.27 -7.99
C GLU A 230 -18.01 5.50 -6.66
N ARG A 231 -18.17 6.71 -6.12
CA ARG A 231 -17.66 7.07 -4.80
C ARG A 231 -18.74 7.78 -4.02
N ASP A 232 -18.75 7.57 -2.70
CA ASP A 232 -19.61 8.33 -1.81
C ASP A 232 -18.76 9.28 -0.99
N CYS A 233 -19.11 10.56 -1.05
CA CYS A 233 -18.34 11.59 -0.39
C CYS A 233 -19.26 12.49 0.44
N SER A 234 -20.16 11.86 1.21
CA SER A 234 -21.20 12.61 1.90
C SER A 234 -20.75 13.32 3.18
N MET A 235 -19.69 12.84 3.81
CA MET A 235 -19.14 13.50 4.98
C MET A 235 -18.43 14.79 4.58
N GLN A 236 -19.02 15.93 4.98
CA GLN A 236 -18.58 17.22 4.51
C GLN A 236 -18.66 18.27 5.60
N ARG A 237 -17.78 19.26 5.51
CA ARG A 237 -17.89 20.47 6.33
C ARG A 237 -17.65 21.67 5.42
N ARG A 238 -18.51 22.69 5.53
CA ARG A 238 -18.46 23.87 4.66
C ARG A 238 -18.55 23.47 3.17
N HIS A 239 -19.37 22.46 2.90
CA HIS A 239 -19.65 21.96 1.56
C HIS A 239 -18.40 21.40 0.87
N GLN A 240 -17.39 21.03 1.68
CA GLN A 240 -16.17 20.37 1.18
C GLN A 240 -16.03 18.95 1.77
N LYS A 241 -15.62 17.99 0.93
CA LYS A 241 -15.51 16.58 1.33
C LYS A 241 -14.44 16.39 2.38
N VAL A 242 -14.71 15.50 3.33
CA VAL A 242 -13.80 15.18 4.44
C VAL A 242 -13.41 13.70 4.39
N VAL A 243 -14.38 12.84 4.11
CA VAL A 243 -14.18 11.40 3.95
C VAL A 243 -14.82 10.98 2.62
N GLU A 244 -14.14 10.09 1.91
CA GLU A 244 -14.70 9.49 0.70
C GLU A 244 -14.50 8.00 0.76
N GLU A 245 -15.41 7.27 0.11
CA GLU A 245 -15.31 5.84 0.01
C GLU A 245 -15.79 5.33 -1.34
N ALA A 246 -15.32 4.14 -1.70
CA ALA A 246 -15.74 3.46 -2.92
C ALA A 246 -15.74 1.96 -2.68
N PRO A 247 -16.75 1.24 -3.22
CA PRO A 247 -17.92 1.79 -3.91
C PRO A 247 -18.89 2.48 -2.92
N ALA A 248 -20.00 3.03 -3.40
CA ALA A 248 -20.96 3.69 -2.51
C ALA A 248 -21.85 2.65 -1.86
N PRO A 249 -21.94 2.66 -0.53
CA PRO A 249 -22.77 1.66 0.18
C PRO A 249 -24.23 1.68 -0.28
N GLY A 250 -24.79 0.50 -0.50
CA GLY A 250 -26.20 0.38 -0.86
C GLY A 250 -26.47 0.57 -2.34
N ILE A 251 -25.44 0.90 -3.10
CA ILE A 251 -25.58 0.98 -4.55
C ILE A 251 -25.46 -0.44 -5.09
N THR A 252 -26.57 -0.94 -5.65
CA THR A 252 -26.61 -2.27 -6.25
C THR A 252 -25.96 -2.25 -7.64
N PRO A 253 -25.49 -3.42 -8.12
CA PRO A 253 -24.92 -3.58 -9.46
C PRO A 253 -25.81 -3.05 -10.60
N GLU A 254 -27.12 -3.27 -10.51
CA GLU A 254 -28.06 -2.78 -11.51
C GLU A 254 -28.05 -1.25 -11.58
N LEU A 255 -28.11 -0.61 -10.41
CA LEU A 255 -28.09 0.84 -10.31
C LEU A 255 -26.73 1.40 -10.72
N ARG A 256 -25.65 0.75 -10.29
CA ARG A 256 -24.29 1.13 -10.67
C ARG A 256 -24.16 1.21 -12.18
N ARG A 257 -24.64 0.19 -12.89
CA ARG A 257 -24.45 0.15 -14.34
C ARG A 257 -25.32 1.19 -15.04
N TYR A 258 -26.52 1.40 -14.52
CA TYR A 258 -27.44 2.43 -14.99
C TYR A 258 -26.78 3.81 -15.03
N ILE A 259 -26.28 4.26 -13.88
CA ILE A 259 -25.71 5.58 -13.79
C ILE A 259 -24.35 5.68 -14.49
N GLY A 260 -23.56 4.62 -14.39
CA GLY A 260 -22.26 4.57 -15.04
C GLY A 260 -22.37 4.66 -16.56
N GLU A 261 -23.33 3.93 -17.14
CA GLU A 261 -23.58 3.96 -18.60
C GLU A 261 -24.02 5.32 -19.09
N ARG A 262 -24.84 5.99 -18.30
CA ARG A 262 -25.29 7.36 -18.60
C ARG A 262 -24.10 8.31 -18.64
N CYS A 263 -23.19 8.16 -17.68
CA CYS A 263 -21.98 8.99 -17.64
C CYS A 263 -21.01 8.70 -18.79
N ALA A 264 -20.80 7.41 -19.10
CA ALA A 264 -19.98 7.04 -20.24
C ALA A 264 -20.57 7.55 -21.57
N LYS A 265 -21.88 7.44 -21.72
CA LYS A 265 -22.58 7.95 -22.90
C LYS A 265 -22.46 9.47 -22.97
N ALA A 266 -22.60 10.14 -21.82
CA ALA A 266 -22.47 11.59 -21.79
C ALA A 266 -21.07 12.04 -22.25
N CYS A 267 -20.04 11.33 -21.79
CA CYS A 267 -18.67 11.55 -22.27
C CYS A 267 -18.52 11.49 -23.79
N VAL A 268 -19.07 10.44 -24.41
CA VAL A 268 -18.98 10.26 -25.87
C VAL A 268 -19.69 11.39 -26.60
N ASP A 269 -20.92 11.69 -26.18
CA ASP A 269 -21.72 12.76 -26.77
C ASP A 269 -21.02 14.12 -26.80
N ILE A 270 -20.43 14.54 -25.68
CA ILE A 270 -19.75 15.84 -25.63
C ILE A 270 -18.31 15.79 -26.11
N GLY A 271 -17.82 14.60 -26.46
CA GLY A 271 -16.44 14.45 -26.92
C GLY A 271 -15.42 14.66 -25.80
N TYR A 272 -15.75 14.17 -24.60
CA TYR A 272 -14.84 14.25 -23.44
C TYR A 272 -13.50 13.52 -23.67
N ARG A 273 -12.43 14.07 -23.09
CA ARG A 273 -11.11 13.45 -23.19
C ARG A 273 -10.40 13.48 -21.82
N GLY A 274 -9.93 12.31 -21.38
CA GLY A 274 -9.13 12.18 -20.15
C GLY A 274 -9.94 11.66 -19.00
N ALA A 275 -9.43 11.89 -17.79
CA ALA A 275 -10.17 11.53 -16.59
C ALA A 275 -11.13 12.67 -16.24
N GLY A 276 -12.22 12.28 -15.60
CA GLY A 276 -13.20 13.24 -15.11
C GLY A 276 -14.16 12.57 -14.16
N THR A 277 -14.98 13.38 -13.50
CA THR A 277 -15.98 12.90 -12.56
C THR A 277 -17.32 13.61 -12.73
N PHE A 278 -18.40 12.84 -12.84
CA PHE A 278 -19.75 13.38 -12.75
C PHE A 278 -20.26 13.24 -11.32
N GLU A 279 -20.59 14.37 -10.71
CA GLU A 279 -21.03 14.38 -9.32
C GLU A 279 -22.55 14.57 -9.25
N PHE A 280 -23.17 13.80 -8.37
CA PHE A 280 -24.62 13.76 -8.24
C PHE A 280 -25.05 13.89 -6.79
N LEU A 281 -26.26 14.39 -6.61
CA LEU A 281 -27.00 14.23 -5.37
C LEU A 281 -27.93 13.04 -5.60
N PHE A 282 -27.85 12.07 -4.69
CA PHE A 282 -28.59 10.82 -4.77
C PHE A 282 -29.65 10.81 -3.66
N GLU A 283 -30.91 10.88 -4.07
CA GLU A 283 -32.01 11.01 -3.10
C GLU A 283 -33.19 10.23 -3.61
N ASN A 284 -33.72 9.38 -2.74
CA ASN A 284 -34.87 8.54 -3.06
C ASN A 284 -34.68 7.76 -4.36
N GLY A 285 -33.53 7.09 -4.46
CA GLY A 285 -33.22 6.25 -5.60
C GLY A 285 -32.88 6.94 -6.92
N GLU A 286 -32.84 8.27 -6.93
CA GLU A 286 -32.58 9.05 -8.15
C GLU A 286 -31.28 9.85 -8.06
N PHE A 287 -30.60 10.01 -9.20
CA PHE A 287 -29.38 10.82 -9.25
C PHE A 287 -29.66 12.16 -9.93
N TYR A 288 -29.18 13.24 -9.31
CA TYR A 288 -29.31 14.58 -9.86
C TYR A 288 -27.93 15.24 -10.01
N PHE A 289 -27.58 15.57 -11.26
CA PHE A 289 -26.28 16.13 -11.61
C PHE A 289 -26.07 17.48 -10.95
N ILE A 290 -24.91 17.68 -10.34
CA ILE A 290 -24.56 19.01 -9.82
C ILE A 290 -23.30 19.63 -10.44
N GLU A 291 -22.33 18.77 -10.76
CA GLU A 291 -21.00 19.21 -11.21
C GLU A 291 -20.29 18.12 -12.01
N MET A 292 -19.52 18.54 -13.03
CA MET A 292 -18.52 17.67 -13.63
C MET A 292 -17.16 18.30 -13.43
N ASN A 293 -16.28 17.58 -12.74
CA ASN A 293 -14.90 17.98 -12.69
C ASN A 293 -14.17 17.45 -13.92
N THR A 294 -13.62 18.37 -14.69
CA THR A 294 -12.94 18.08 -15.95
C THR A 294 -11.44 17.95 -15.68
N ARG A 295 -11.08 17.00 -14.82
CA ARG A 295 -9.75 16.89 -14.23
C ARG A 295 -9.69 15.67 -13.31
N ILE A 296 -8.50 15.37 -12.79
CA ILE A 296 -8.38 14.33 -11.77
C ILE A 296 -9.06 14.79 -10.48
N GLN A 297 -9.60 13.83 -9.75
CA GLN A 297 -10.26 14.06 -8.47
C GLN A 297 -9.28 13.89 -7.30
N VAL A 298 -9.39 14.71 -6.25
CA VAL A 298 -8.61 14.47 -5.02
C VAL A 298 -8.70 13.00 -4.57
N GLU A 299 -9.93 12.49 -4.53
CA GLU A 299 -10.21 11.21 -3.92
C GLU A 299 -10.11 10.03 -4.88
N HIS A 300 -9.48 10.25 -6.04
CA HIS A 300 -9.23 9.19 -7.02
C HIS A 300 -8.57 7.90 -6.46
N PRO A 301 -7.71 7.99 -5.42
CA PRO A 301 -7.17 6.74 -4.86
C PRO A 301 -8.19 5.67 -4.42
N VAL A 302 -9.35 6.02 -3.88
CA VAL A 302 -10.32 4.95 -3.49
C VAL A 302 -10.80 4.13 -4.69
N THR A 303 -10.96 4.78 -5.84
CA THR A 303 -11.37 4.12 -7.07
C THR A 303 -10.23 3.25 -7.59
N GLU A 304 -9.02 3.78 -7.48
CA GLU A 304 -7.85 2.97 -7.84
C GLU A 304 -7.80 1.67 -7.03
N MET A 305 -8.09 1.74 -5.74
CA MET A 305 -7.94 0.58 -4.86
C MET A 305 -8.94 -0.52 -5.18
N ILE A 306 -10.16 -0.14 -5.56
CA ILE A 306 -11.23 -1.11 -5.80
C ILE A 306 -11.30 -1.60 -7.26
N THR A 307 -10.63 -0.88 -8.18
CA THR A 307 -10.58 -1.33 -9.59
C THR A 307 -9.22 -1.84 -10.07
N GLY A 308 -8.15 -1.48 -9.36
CA GLY A 308 -6.80 -1.77 -9.84
C GLY A 308 -6.29 -0.82 -10.92
N VAL A 309 -7.12 0.13 -11.36
CA VAL A 309 -6.70 1.06 -12.42
C VAL A 309 -5.90 2.22 -11.85
N ASP A 310 -4.77 2.53 -12.49
CA ASP A 310 -3.98 3.68 -12.10
C ASP A 310 -4.45 4.88 -12.92
N LEU A 311 -5.20 5.78 -12.29
CA LEU A 311 -5.86 6.84 -13.06
C LEU A 311 -4.94 7.90 -13.62
N ILE A 312 -3.81 8.12 -12.95
CA ILE A 312 -2.83 9.10 -13.42
C ILE A 312 -2.09 8.54 -14.63
N LYS A 313 -1.72 7.26 -14.59
CA LYS A 313 -1.12 6.65 -15.75
C LYS A 313 -2.06 6.67 -16.94
N GLU A 314 -3.35 6.44 -16.71
CA GLU A 314 -4.32 6.50 -17.79
C GLU A 314 -4.41 7.91 -18.39
N GLN A 315 -4.46 8.93 -17.54
CA GLN A 315 -4.37 10.32 -18.00
C GLN A 315 -3.18 10.56 -18.94
N LEU A 316 -2.01 10.06 -18.54
CA LEU A 316 -0.78 10.25 -19.29
C LEU A 316 -0.79 9.49 -20.63
N ARG A 317 -1.27 8.25 -20.61
CA ARG A 317 -1.45 7.44 -21.83
C ARG A 317 -2.40 8.14 -22.83
N ILE A 318 -3.54 8.60 -22.32
CA ILE A 318 -4.50 9.32 -23.14
C ILE A 318 -3.89 10.59 -23.75
N ALA A 319 -3.16 11.36 -22.94
CA ALA A 319 -2.50 12.60 -23.42
C ALA A 319 -1.46 12.31 -24.50
N ALA A 320 -0.89 11.11 -24.48
CA ALA A 320 0.05 10.66 -25.49
C ALA A 320 -0.69 10.20 -26.75
N GLY A 321 -2.01 10.30 -26.74
CA GLY A 321 -2.83 9.89 -27.89
C GLY A 321 -3.09 8.40 -27.95
N GLN A 322 -2.88 7.69 -26.84
CA GLN A 322 -3.23 6.27 -26.81
C GLN A 322 -4.74 6.10 -26.68
N PRO A 323 -5.32 5.11 -27.39
CA PRO A 323 -6.74 4.81 -27.19
C PRO A 323 -6.95 4.11 -25.85
N LEU A 324 -8.18 4.09 -25.34
CA LEU A 324 -8.49 3.32 -24.13
C LEU A 324 -8.12 1.85 -24.26
N SER A 325 -7.30 1.39 -23.33
CA SER A 325 -6.88 -0.02 -23.20
C SER A 325 -7.97 -0.88 -22.57
N ILE A 326 -8.59 -0.33 -21.54
CA ILE A 326 -9.58 -1.03 -20.74
C ILE A 326 -10.94 -0.90 -21.41
N LYS A 327 -11.60 -2.05 -21.58
CA LYS A 327 -12.99 -2.09 -22.01
C LYS A 327 -13.87 -2.10 -20.77
N GLN A 328 -15.14 -1.73 -20.91
CA GLN A 328 -16.06 -1.70 -19.77
C GLN A 328 -16.15 -3.06 -19.07
N GLU A 329 -16.23 -4.12 -19.88
CA GLU A 329 -16.35 -5.49 -19.39
C GLU A 329 -15.16 -5.92 -18.53
N GLU A 330 -14.01 -5.25 -18.71
CA GLU A 330 -12.80 -5.58 -17.96
C GLU A 330 -12.70 -4.82 -16.62
N VAL A 331 -13.66 -3.96 -16.35
CA VAL A 331 -13.66 -3.19 -15.09
C VAL A 331 -14.41 -3.95 -14.00
N HIS A 332 -13.70 -4.32 -12.94
CA HIS A 332 -14.32 -5.09 -11.85
C HIS A 332 -14.08 -4.45 -10.50
N VAL A 333 -15.16 -4.22 -9.77
CA VAL A 333 -15.09 -3.71 -8.40
C VAL A 333 -14.74 -4.89 -7.47
N ARG A 334 -13.62 -4.76 -6.77
CA ARG A 334 -13.21 -5.74 -5.77
C ARG A 334 -12.90 -5.02 -4.47
N GLY A 335 -13.56 -5.45 -3.39
CA GLY A 335 -13.37 -4.89 -2.06
C GLY A 335 -13.97 -3.51 -1.85
N HIS A 336 -13.38 -2.77 -0.91
CA HIS A 336 -13.88 -1.47 -0.45
C HIS A 336 -12.71 -0.61 0.01
N ALA A 337 -12.75 0.69 -0.27
CA ALA A 337 -11.71 1.62 0.20
C ALA A 337 -12.34 2.88 0.81
N VAL A 338 -11.66 3.43 1.81
CA VAL A 338 -12.12 4.63 2.49
C VAL A 338 -10.93 5.59 2.51
N GLU A 339 -11.16 6.87 2.23
CA GLU A 339 -10.09 7.86 2.31
C GLU A 339 -10.42 8.91 3.35
N CYS A 340 -9.46 9.19 4.23
CA CYS A 340 -9.60 10.29 5.17
C CYS A 340 -8.64 11.40 4.78
N ARG A 341 -9.19 12.58 4.48
CA ARG A 341 -8.36 13.76 4.22
C ARG A 341 -7.67 14.22 5.50
N ILE A 342 -6.38 14.51 5.39
CA ILE A 342 -5.63 15.05 6.52
C ILE A 342 -5.37 16.53 6.23
N ASN A 343 -5.84 17.40 7.12
CA ASN A 343 -5.74 18.84 6.93
C ASN A 343 -5.04 19.52 8.10
N ALA A 344 -4.24 20.53 7.78
CA ALA A 344 -3.54 21.32 8.79
C ALA A 344 -4.44 22.45 9.27
N GLU A 345 -5.33 22.10 10.20
CA GLU A 345 -6.31 23.01 10.80
C GLU A 345 -6.73 22.41 12.14
N ASP A 346 -7.17 23.26 13.07
CA ASP A 346 -7.72 22.81 14.35
C ASP A 346 -8.88 21.82 14.14
N PRO A 347 -8.85 20.66 14.83
CA PRO A 347 -9.90 19.64 14.68
C PRO A 347 -11.28 20.04 15.20
N ASN A 348 -11.35 21.18 15.89
CA ASN A 348 -12.59 21.64 16.51
C ASN A 348 -13.07 23.00 16.02
N THR A 349 -12.18 23.98 15.92
CA THR A 349 -12.53 25.32 15.43
C THR A 349 -12.31 25.49 13.93
N PHE A 350 -11.50 24.59 13.37
CA PHE A 350 -11.25 24.47 11.92
C PHE A 350 -10.53 25.68 11.33
N LEU A 351 -9.70 26.29 12.16
CA LEU A 351 -8.87 27.41 11.77
C LEU A 351 -7.47 26.90 11.39
N PRO A 352 -6.88 27.45 10.31
CA PRO A 352 -5.61 26.98 9.74
C PRO A 352 -4.44 26.89 10.72
N SER A 353 -3.64 25.84 10.57
CA SER A 353 -2.51 25.60 11.44
C SER A 353 -1.21 25.39 10.65
N PRO A 354 -0.73 26.43 9.96
CA PRO A 354 0.54 26.30 9.26
C PRO A 354 1.72 26.22 10.24
N GLY A 355 2.86 25.72 9.76
CA GLY A 355 4.06 25.68 10.57
C GLY A 355 4.86 24.40 10.46
N LYS A 356 5.89 24.30 11.29
CA LYS A 356 6.86 23.20 11.25
C LYS A 356 6.33 21.93 11.89
N ILE A 357 6.34 20.86 11.10
CA ILE A 357 6.04 19.53 11.60
C ILE A 357 7.29 19.04 12.31
N THR A 358 7.16 18.79 13.62
CA THR A 358 8.30 18.44 14.48
C THR A 358 8.51 16.94 14.58
N ARG A 359 7.41 16.18 14.51
CA ARG A 359 7.48 14.73 14.48
C ARG A 359 6.46 14.19 13.47
N PHE A 360 6.88 13.21 12.68
CA PHE A 360 5.99 12.56 11.73
C PHE A 360 6.23 11.06 11.65
N HIS A 361 5.14 10.31 11.63
CA HIS A 361 5.20 8.89 11.36
C HIS A 361 3.97 8.51 10.56
N ALA A 362 4.20 7.94 9.38
CA ALA A 362 3.11 7.42 8.53
C ALA A 362 2.70 6.02 9.00
N PRO A 363 1.39 5.71 8.90
CA PRO A 363 1.01 4.32 9.16
C PRO A 363 1.43 3.40 8.01
N GLY A 364 1.43 2.09 8.26
CA GLY A 364 1.78 1.12 7.24
C GLY A 364 0.98 -0.14 7.40
N GLY A 365 1.30 -1.15 6.58
CA GLY A 365 0.69 -2.45 6.74
C GLY A 365 -0.12 -2.81 5.52
N PHE A 366 -0.64 -4.04 5.54
CA PHE A 366 -1.48 -4.58 4.47
C PHE A 366 -2.67 -3.65 4.28
N GLY A 367 -2.90 -3.25 3.02
CA GLY A 367 -4.08 -2.47 2.64
C GLY A 367 -4.07 -1.01 3.01
N VAL A 368 -2.93 -0.50 3.46
CA VAL A 368 -2.77 0.89 3.88
C VAL A 368 -2.00 1.67 2.81
N ARG A 369 -2.57 2.78 2.37
CA ARG A 369 -1.92 3.64 1.39
C ARG A 369 -1.84 5.07 1.92
N TRP A 370 -0.63 5.62 2.01
CA TRP A 370 -0.41 6.98 2.51
C TRP A 370 0.02 7.90 1.36
N GLU A 371 -0.74 8.99 1.16
CA GLU A 371 -0.53 9.92 0.06
C GLU A 371 -0.26 11.32 0.59
N SER A 372 1.03 11.64 0.75
CA SER A 372 1.46 12.93 1.30
C SER A 372 2.93 13.23 1.03
N HIS A 373 3.19 14.53 0.84
CA HIS A 373 4.53 15.11 0.71
C HIS A 373 5.14 15.46 2.06
N ILE A 374 4.36 15.40 3.15
CA ILE A 374 4.89 15.87 4.44
C ILE A 374 5.98 14.98 5.02
N TYR A 375 6.87 15.60 5.79
CA TYR A 375 7.94 14.91 6.51
C TYR A 375 8.33 15.72 7.75
N ALA A 376 8.97 15.07 8.70
CA ALA A 376 9.46 15.73 9.92
C ALA A 376 10.51 16.76 9.52
N GLY A 377 10.28 18.02 9.95
CA GLY A 377 11.16 19.12 9.55
C GLY A 377 10.55 20.00 8.48
N TYR A 378 9.50 19.50 7.82
CA TYR A 378 8.84 20.24 6.75
C TYR A 378 7.92 21.31 7.33
N THR A 379 7.96 22.50 6.73
CA THR A 379 7.11 23.61 7.12
C THR A 379 5.89 23.72 6.19
N VAL A 380 4.72 23.61 6.79
CA VAL A 380 3.47 23.82 6.07
C VAL A 380 3.27 25.33 5.96
N PRO A 381 3.23 25.86 4.71
CA PRO A 381 3.08 27.31 4.53
C PRO A 381 1.65 27.80 4.80
N PRO A 382 1.48 29.11 5.04
CA PRO A 382 0.15 29.69 5.21
C PRO A 382 -0.60 30.00 3.90
N TYR A 383 0.07 29.89 2.76
CA TYR A 383 -0.42 30.45 1.49
C TYR A 383 -1.44 29.59 0.75
N TYR A 384 -1.52 28.30 1.08
CA TYR A 384 -2.29 27.36 0.24
C TYR A 384 -3.39 26.66 1.01
N ASP A 385 -4.10 25.76 0.32
CA ASP A 385 -5.15 24.94 0.95
C ASP A 385 -4.61 24.10 2.11
N SER A 386 -5.47 23.79 3.08
CA SER A 386 -5.04 23.10 4.31
C SER A 386 -4.79 21.59 4.16
N MET A 387 -5.24 21.00 3.05
CA MET A 387 -5.07 19.55 2.87
C MET A 387 -3.59 19.21 2.67
N ILE A 388 -3.03 18.48 3.63
CA ILE A 388 -1.61 18.14 3.56
C ILE A 388 -1.37 16.66 3.23
N GLY A 389 -2.41 15.85 3.29
CA GLY A 389 -2.25 14.40 3.08
C GLY A 389 -3.56 13.67 2.96
N LYS A 390 -3.47 12.41 2.52
CA LYS A 390 -4.62 11.54 2.38
C LYS A 390 -4.23 10.13 2.83
N LEU A 391 -5.03 9.59 3.74
CA LEU A 391 -4.88 8.22 4.21
C LEU A 391 -5.99 7.38 3.60
N ILE A 392 -5.59 6.33 2.88
CA ILE A 392 -6.54 5.47 2.17
C ILE A 392 -6.37 4.03 2.63
N CYS A 393 -7.45 3.43 3.12
CA CYS A 393 -7.43 2.05 3.57
C CYS A 393 -8.35 1.18 2.74
N TYR A 394 -7.79 0.07 2.25
CA TYR A 394 -8.52 -0.90 1.47
C TYR A 394 -8.76 -2.16 2.29
N GLY A 395 -9.93 -2.77 2.12
CA GLY A 395 -10.21 -4.08 2.71
C GLY A 395 -11.04 -4.93 1.77
N GLU A 396 -11.14 -6.22 2.05
CA GLU A 396 -12.02 -7.11 1.27
C GLU A 396 -13.49 -6.70 1.35
N ASN A 397 -13.86 -6.01 2.43
CA ASN A 397 -15.19 -5.44 2.57
C ASN A 397 -15.15 -4.12 3.38
N ARG A 398 -16.28 -3.43 3.49
CA ARG A 398 -16.35 -2.12 4.20
C ARG A 398 -15.98 -2.18 5.69
N ASP A 399 -16.42 -3.24 6.38
CA ASP A 399 -16.09 -3.49 7.78
C ASP A 399 -14.56 -3.58 7.99
N VAL A 400 -13.89 -4.33 7.14
CA VAL A 400 -12.42 -4.44 7.18
C VAL A 400 -11.73 -3.11 6.86
N ALA A 401 -12.24 -2.40 5.86
CA ALA A 401 -11.66 -1.10 5.47
C ALA A 401 -11.73 -0.08 6.59
N ILE A 402 -12.87 -0.01 7.27
CA ILE A 402 -13.07 0.94 8.36
C ILE A 402 -12.21 0.56 9.59
N ALA A 403 -12.14 -0.74 9.90
CA ALA A 403 -11.30 -1.26 10.98
C ALA A 403 -9.85 -0.88 10.74
N ARG A 404 -9.45 -1.03 9.47
CA ARG A 404 -8.11 -0.73 9.03
C ARG A 404 -7.82 0.76 9.18
N MET A 405 -8.75 1.60 8.74
CA MET A 405 -8.63 3.04 8.90
C MET A 405 -8.49 3.46 10.37
N LYS A 406 -9.36 2.92 11.22
CA LYS A 406 -9.33 3.17 12.66
C LYS A 406 -7.93 2.97 13.22
N ASN A 407 -7.32 1.82 12.91
CA ASN A 407 -5.98 1.49 13.36
C ASN A 407 -4.87 2.36 12.76
N ALA A 408 -4.92 2.56 11.45
CA ALA A 408 -3.98 3.46 10.75
C ALA A 408 -3.98 4.88 11.33
N LEU A 409 -5.17 5.42 11.61
CA LEU A 409 -5.27 6.78 12.20
C LEU A 409 -4.62 6.84 13.58
N GLN A 410 -4.63 5.72 14.30
CA GLN A 410 -3.93 5.60 15.60
C GLN A 410 -2.40 5.53 15.46
N GLU A 411 -1.92 5.04 14.32
CA GLU A 411 -0.47 4.97 14.08
C GLU A 411 0.08 6.26 13.51
N LEU A 412 -0.79 7.03 12.87
CA LEU A 412 -0.38 8.28 12.20
C LEU A 412 -0.03 9.38 13.21
N ILE A 413 1.21 9.86 13.13
CA ILE A 413 1.66 10.92 14.04
C ILE A 413 2.01 12.15 13.22
N ILE A 414 1.40 13.28 13.58
CA ILE A 414 1.77 14.59 13.01
C ILE A 414 1.80 15.61 14.15
N ASP A 415 3.01 15.99 14.56
CA ASP A 415 3.18 16.89 15.71
C ASP A 415 3.80 18.19 15.28
N GLY A 416 3.49 19.26 16.00
CA GLY A 416 4.04 20.57 15.69
C GLY A 416 3.00 21.51 15.11
N ILE A 417 1.98 20.92 14.47
CA ILE A 417 0.84 21.68 13.94
C ILE A 417 -0.44 20.97 14.39
N LYS A 418 -1.56 21.67 14.33
CA LYS A 418 -2.87 21.06 14.63
C LYS A 418 -3.36 20.33 13.36
N THR A 419 -3.98 19.17 13.54
CA THR A 419 -4.55 18.44 12.39
C THR A 419 -5.98 17.98 12.70
N ASN A 420 -6.67 17.50 11.68
CA ASN A 420 -8.01 16.91 11.85
C ASN A 420 -7.96 15.40 12.09
N VAL A 421 -6.81 14.86 12.50
CA VAL A 421 -6.70 13.40 12.73
C VAL A 421 -7.68 12.91 13.79
N ASP A 422 -7.83 13.65 14.89
CA ASP A 422 -8.76 13.24 15.95
C ASP A 422 -10.23 13.32 15.49
N LEU A 423 -10.54 14.27 14.61
CA LEU A 423 -11.86 14.33 13.97
C LEU A 423 -12.12 13.09 13.10
N GLN A 424 -11.12 12.71 12.30
CA GLN A 424 -11.24 11.51 11.46
C GLN A 424 -11.45 10.26 12.33
N ILE A 425 -10.77 10.20 13.46
CA ILE A 425 -10.98 9.10 14.42
C ILE A 425 -12.45 9.02 14.86
N ARG A 426 -13.00 10.16 15.28
CA ARG A 426 -14.42 10.31 15.64
C ARG A 426 -15.40 9.89 14.54
N ILE A 427 -15.11 10.27 13.29
CA ILE A 427 -16.00 9.86 12.18
C ILE A 427 -16.00 8.34 11.98
N MET A 428 -14.82 7.72 12.00
CA MET A 428 -14.73 6.26 11.88
C MET A 428 -15.49 5.52 13.01
N ASN A 429 -15.54 6.13 14.20
CA ASN A 429 -16.22 5.56 15.38
C ASN A 429 -17.71 5.88 15.43
N ASP A 430 -18.18 6.63 14.43
CA ASP A 430 -19.57 7.08 14.39
C ASP A 430 -20.49 5.96 13.93
N GLU A 431 -21.53 5.72 14.73
CA GLU A 431 -22.47 4.62 14.52
C GLU A 431 -23.22 4.77 13.17
N ASN A 432 -23.53 5.99 12.81
CA ASN A 432 -24.21 6.24 11.53
C ASN A 432 -23.32 6.13 10.29
N PHE A 433 -22.08 6.59 10.40
CA PHE A 433 -21.08 6.30 9.36
C PHE A 433 -20.89 4.79 9.17
N GLN A 434 -20.77 4.09 10.30
CA GLN A 434 -20.67 2.62 10.29
C GLN A 434 -21.88 1.98 9.62
N HIS A 435 -23.07 2.51 9.89
CA HIS A 435 -24.26 2.05 9.18
C HIS A 435 -24.10 2.25 7.67
N GLY A 436 -23.63 3.44 7.29
CA GLY A 436 -23.40 3.77 5.89
C GLY A 436 -24.56 4.59 5.36
N GLY A 437 -24.32 5.33 4.28
CA GLY A 437 -25.40 6.07 3.62
C GLY A 437 -25.91 7.29 4.34
N THR A 438 -25.08 7.87 5.21
CA THR A 438 -25.41 9.18 5.82
C THR A 438 -25.46 10.28 4.75
N ASN A 439 -26.34 11.26 4.97
CA ASN A 439 -26.53 12.34 4.00
C ASN A 439 -25.45 13.40 4.09
N ILE A 440 -25.47 14.33 3.14
CA ILE A 440 -24.46 15.39 3.04
C ILE A 440 -24.46 16.40 4.21
N HIS A 441 -25.51 16.36 5.04
CA HIS A 441 -25.64 17.31 6.15
C HIS A 441 -25.19 16.72 7.48
N TYR A 442 -24.87 15.43 7.47
CA TYR A 442 -24.65 14.69 8.70
C TYR A 442 -23.50 15.20 9.55
N LEU A 443 -22.33 15.40 8.94
CA LEU A 443 -21.13 15.75 9.74
C LEU A 443 -21.30 17.05 10.54
N GLU A 444 -21.78 18.10 9.89
CA GLU A 444 -22.06 19.35 10.59
C GLU A 444 -23.19 19.22 11.63
N LYS A 445 -24.20 18.39 11.35
CA LYS A 445 -25.20 18.02 12.37
C LYS A 445 -24.53 17.45 13.62
N LYS A 446 -23.76 16.37 13.42
CA LYS A 446 -23.00 15.70 14.48
C LYS A 446 -22.09 16.67 15.24
N LEU A 447 -21.33 17.46 14.50
CA LEU A 447 -20.46 18.44 15.12
C LEU A 447 -21.26 19.62 15.67
N MET B 4 -13.13 -15.98 19.46
CA MET B 4 -12.38 -17.16 19.99
C MET B 4 -11.05 -16.80 20.64
N LEU B 5 -10.19 -16.03 19.96
CA LEU B 5 -8.91 -15.61 20.54
C LEU B 5 -9.05 -14.19 21.07
N ASP B 6 -9.31 -14.03 22.36
CA ASP B 6 -9.52 -12.67 22.82
C ASP B 6 -8.24 -11.99 23.30
N LYS B 7 -7.17 -12.75 23.53
CA LYS B 7 -5.87 -12.20 23.91
C LYS B 7 -4.74 -13.14 23.49
N ILE B 8 -3.71 -12.59 22.82
CA ILE B 8 -2.52 -13.37 22.48
C ILE B 8 -1.20 -12.68 22.88
N VAL B 9 -0.19 -13.49 23.10
CA VAL B 9 1.18 -13.01 23.36
C VAL B 9 1.88 -12.98 22.00
N ILE B 10 2.54 -11.87 21.70
CA ILE B 10 3.36 -11.83 20.49
C ILE B 10 4.79 -12.13 20.91
N ALA B 11 5.19 -13.38 20.72
CA ALA B 11 6.49 -13.87 21.14
C ALA B 11 7.58 -13.59 20.09
N ASN B 12 7.83 -12.31 19.85
CA ASN B 12 8.82 -11.86 18.86
C ASN B 12 9.06 -10.35 18.99
N ARG B 13 9.65 -9.74 17.97
CA ARG B 13 10.10 -8.33 18.04
C ARG B 13 10.14 -7.70 16.64
N GLY B 14 10.49 -6.41 16.58
CA GLY B 14 10.71 -5.74 15.29
C GLY B 14 9.52 -5.78 14.35
N GLU B 15 9.83 -5.86 13.05
CA GLU B 15 8.81 -5.72 12.01
C GLU B 15 7.68 -6.78 12.09
N ILE B 16 8.05 -8.03 12.35
CA ILE B 16 7.06 -9.12 12.43
C ILE B 16 6.10 -9.02 13.62
N ALA B 17 6.64 -8.59 14.77
CA ALA B 17 5.81 -8.32 15.93
C ALA B 17 4.76 -7.26 15.61
N LEU B 18 5.18 -6.19 14.93
CA LEU B 18 4.27 -5.12 14.48
C LEU B 18 3.25 -5.64 13.48
N ARG B 19 3.71 -6.46 12.53
CA ARG B 19 2.85 -7.13 11.56
C ARG B 19 1.72 -7.92 12.24
N ILE B 20 2.08 -8.70 13.26
CA ILE B 20 1.12 -9.51 14.01
C ILE B 20 0.17 -8.60 14.80
N LEU B 21 0.73 -7.59 15.45
CA LEU B 21 -0.07 -6.66 16.21
C LEU B 21 -1.18 -6.02 15.37
N ARG B 22 -0.83 -5.56 14.16
CA ARG B 22 -1.78 -4.93 13.28
C ARG B 22 -2.96 -5.85 12.93
N ALA B 23 -2.67 -7.12 12.67
CA ALA B 23 -3.72 -8.10 12.39
C ALA B 23 -4.65 -8.29 13.59
N CYS B 24 -4.05 -8.41 14.77
CA CYS B 24 -4.82 -8.47 16.04
C CYS B 24 -5.72 -7.25 16.26
N LYS B 25 -5.16 -6.05 16.12
CA LYS B 25 -5.94 -4.80 16.26
C LYS B 25 -7.16 -4.76 15.32
N GLU B 26 -6.95 -5.15 14.06
CA GLU B 26 -8.04 -5.21 13.07
C GLU B 26 -9.11 -6.25 13.41
N LEU B 27 -8.72 -7.31 14.11
CA LEU B 27 -9.64 -8.39 14.48
C LEU B 27 -10.23 -8.27 15.90
N GLY B 28 -9.89 -7.19 16.59
CA GLY B 28 -10.31 -6.97 17.98
C GLY B 28 -9.63 -7.87 19.02
N ILE B 29 -8.45 -8.39 18.66
CA ILE B 29 -7.72 -9.29 19.54
C ILE B 29 -6.76 -8.49 20.40
N LYS B 30 -6.90 -8.62 21.71
CA LYS B 30 -6.01 -7.98 22.67
C LYS B 30 -4.58 -8.54 22.58
N THR B 31 -3.60 -7.65 22.70
CA THR B 31 -2.22 -8.04 22.49
C THR B 31 -1.39 -7.88 23.76
N VAL B 32 -0.51 -8.87 23.99
CA VAL B 32 0.51 -8.78 25.01
C VAL B 32 1.85 -8.77 24.28
N ALA B 33 2.60 -7.69 24.42
CA ALA B 33 3.93 -7.63 23.83
C ALA B 33 4.95 -8.05 24.87
N VAL B 34 5.59 -9.19 24.64
CA VAL B 34 6.75 -9.58 25.43
C VAL B 34 8.01 -9.01 24.78
N HIS B 35 8.90 -8.44 25.60
CA HIS B 35 10.07 -7.75 25.07
C HIS B 35 11.25 -7.87 26.02
N SER B 36 12.45 -7.66 25.48
CA SER B 36 13.66 -7.54 26.27
C SER B 36 13.80 -6.12 26.76
N SER B 37 14.72 -5.90 27.70
CA SER B 37 14.93 -4.59 28.29
C SER B 37 15.48 -3.58 27.28
N ALA B 38 16.02 -4.08 26.16
CA ALA B 38 16.53 -3.19 25.11
C ALA B 38 15.45 -2.79 24.10
N ASP B 39 14.27 -3.39 24.25
CA ASP B 39 13.19 -3.29 23.26
C ASP B 39 11.94 -2.61 23.85
N ARG B 40 12.12 -1.86 24.92
CA ARG B 40 10.98 -1.14 25.54
C ARG B 40 10.32 -0.11 24.61
N ASP B 41 11.09 0.43 23.68
CA ASP B 41 10.61 1.49 22.78
C ASP B 41 10.29 1.00 21.35
N LEU B 42 10.19 -0.32 21.16
CA LEU B 42 9.73 -0.89 19.89
C LEU B 42 8.32 -0.38 19.59
N LYS B 43 8.07 -0.04 18.33
CA LYS B 43 6.74 0.47 17.96
C LYS B 43 5.58 -0.42 18.44
N HIS B 44 5.64 -1.72 18.19
CA HIS B 44 4.52 -2.61 18.56
C HIS B 44 4.35 -2.73 20.09
N VAL B 45 5.45 -2.56 20.82
CA VAL B 45 5.45 -2.58 22.29
C VAL B 45 4.64 -1.40 22.80
N LEU B 46 4.92 -0.23 22.24
CA LEU B 46 4.18 1.00 22.55
C LEU B 46 2.70 0.95 22.17
N LEU B 47 2.38 0.17 21.15
CA LEU B 47 1.01 0.09 20.65
C LEU B 47 0.21 -1.03 21.32
N ALA B 48 0.91 -1.93 22.01
CA ALA B 48 0.29 -3.13 22.59
C ALA B 48 -0.65 -2.76 23.72
N ASP B 49 -1.63 -3.63 24.00
CA ASP B 49 -2.56 -3.41 25.11
C ASP B 49 -1.86 -3.60 26.45
N GLU B 50 -1.01 -4.62 26.52
CA GLU B 50 -0.22 -4.93 27.70
C GLU B 50 1.20 -5.28 27.26
N THR B 51 2.17 -5.04 28.14
CA THR B 51 3.57 -5.33 27.85
C THR B 51 4.17 -6.09 29.03
N VAL B 52 4.99 -7.09 28.72
CA VAL B 52 5.71 -7.86 29.75
C VAL B 52 7.20 -7.96 29.38
N CYS B 53 8.07 -7.55 30.29
CA CYS B 53 9.51 -7.70 30.08
C CYS B 53 9.93 -9.12 30.39
N ILE B 54 10.50 -9.81 29.41
CA ILE B 54 10.84 -11.23 29.56
C ILE B 54 12.34 -11.50 29.77
N GLY B 55 13.15 -10.46 29.81
CA GLY B 55 14.56 -10.64 30.15
C GLY B 55 15.42 -9.49 29.70
N PRO B 56 16.74 -9.58 29.98
CA PRO B 56 17.66 -8.53 29.52
C PRO B 56 17.94 -8.72 28.03
N ALA B 57 18.82 -7.86 27.50
CA ALA B 57 19.01 -7.71 26.05
C ALA B 57 19.30 -8.96 25.21
N PRO B 58 20.28 -9.81 25.60
CA PRO B 58 20.56 -10.97 24.73
C PRO B 58 19.34 -11.86 24.49
N SER B 59 19.20 -12.33 23.24
CA SER B 59 18.08 -13.17 22.80
C SER B 59 17.95 -14.45 23.62
N VAL B 60 19.09 -15.07 23.91
CA VAL B 60 19.12 -16.32 24.66
C VAL B 60 18.52 -16.12 26.07
N LYS B 61 18.56 -14.86 26.54
CA LYS B 61 18.05 -14.49 27.87
C LYS B 61 16.67 -13.83 27.83
N SER B 62 16.13 -13.65 26.63
CA SER B 62 14.85 -12.95 26.46
C SER B 62 13.89 -13.66 25.50
N TYR B 63 14.10 -13.50 24.20
CA TYR B 63 13.17 -14.06 23.19
C TYR B 63 13.25 -15.58 23.06
N LEU B 64 14.26 -16.18 23.68
CA LEU B 64 14.41 -17.65 23.77
C LEU B 64 14.10 -18.20 25.18
N ASN B 65 13.71 -17.30 26.08
CA ASN B 65 13.38 -17.62 27.46
C ASN B 65 11.97 -18.20 27.55
N ILE B 66 11.88 -19.51 27.36
CA ILE B 66 10.59 -20.23 27.37
C ILE B 66 9.78 -20.00 28.66
N PRO B 67 10.40 -20.20 29.85
CA PRO B 67 9.67 -19.97 31.11
C PRO B 67 9.10 -18.55 31.26
N ALA B 68 9.85 -17.54 30.84
CA ALA B 68 9.36 -16.15 30.93
C ALA B 68 8.19 -15.89 29.97
N ILE B 69 8.27 -16.42 28.76
CA ILE B 69 7.22 -16.20 27.75
C ILE B 69 5.90 -16.86 28.15
N ILE B 70 5.99 -18.08 28.68
CA ILE B 70 4.82 -18.77 29.17
C ILE B 70 4.25 -18.10 30.44
N SER B 71 5.12 -17.65 31.35
CA SER B 71 4.66 -16.88 32.50
C SER B 71 3.88 -15.62 32.11
N ALA B 72 4.37 -14.89 31.11
CA ALA B 72 3.69 -13.73 30.54
C ALA B 72 2.27 -14.06 30.07
N ALA B 73 2.12 -15.18 29.37
CA ALA B 73 0.82 -15.64 28.90
C ALA B 73 -0.07 -15.97 30.10
N GLU B 74 0.51 -16.66 31.08
CA GLU B 74 -0.21 -17.03 32.30
C GLU B 74 -0.71 -15.81 33.07
N ILE B 75 0.18 -14.87 33.37
CA ILE B 75 -0.18 -13.70 34.18
C ILE B 75 -1.17 -12.74 33.51
N THR B 76 -1.20 -12.70 32.19
CA THR B 76 -2.11 -11.77 31.50
C THR B 76 -3.43 -12.42 31.15
N GLY B 77 -3.51 -13.74 31.27
CA GLY B 77 -4.70 -14.50 30.87
C GLY B 77 -4.83 -14.62 29.35
N ALA B 78 -3.70 -14.68 28.65
CA ALA B 78 -3.69 -14.85 27.21
C ALA B 78 -4.07 -16.28 26.85
N VAL B 79 -4.69 -16.47 25.69
CA VAL B 79 -5.13 -17.80 25.26
C VAL B 79 -4.21 -18.47 24.23
N ALA B 80 -3.42 -17.66 23.53
CA ALA B 80 -2.59 -18.14 22.43
C ALA B 80 -1.26 -17.37 22.34
N ILE B 81 -0.26 -17.97 21.72
CA ILE B 81 1.04 -17.34 21.53
C ILE B 81 1.48 -17.42 20.06
N HIS B 82 1.74 -16.27 19.44
CA HIS B 82 2.30 -16.24 18.08
C HIS B 82 3.81 -16.10 18.17
N PRO B 83 4.57 -17.10 17.67
CA PRO B 83 6.03 -17.08 17.73
C PRO B 83 6.72 -16.30 16.56
N GLY B 84 5.94 -15.76 15.63
CA GLY B 84 6.49 -15.04 14.47
C GLY B 84 7.38 -15.94 13.64
N TYR B 85 8.53 -15.43 13.21
CA TYR B 85 9.54 -16.29 12.57
C TYR B 85 10.85 -16.19 13.33
N GLY B 86 11.74 -17.16 13.13
CA GLY B 86 12.99 -17.23 13.90
C GLY B 86 12.70 -17.55 15.36
N PHE B 87 13.70 -17.33 16.22
CA PHE B 87 13.55 -17.65 17.62
C PHE B 87 12.98 -19.05 17.85
N LEU B 88 11.89 -19.06 18.57
CA LEU B 88 11.30 -20.31 18.99
C LEU B 88 10.16 -20.77 18.08
N SER B 89 10.00 -20.11 16.92
CA SER B 89 8.91 -20.48 16.03
C SER B 89 9.01 -21.90 15.47
N GLU B 90 10.23 -22.41 15.32
CA GLU B 90 10.43 -23.76 14.82
C GLU B 90 11.03 -24.64 15.92
N ASN B 91 10.70 -24.32 17.17
CA ASN B 91 11.20 -25.06 18.30
C ASN B 91 10.09 -25.96 18.85
N ALA B 92 10.22 -27.28 18.58
CA ALA B 92 9.23 -28.27 19.00
C ALA B 92 9.06 -28.32 20.51
N ASN B 93 10.15 -28.16 21.26
CA ASN B 93 10.06 -28.13 22.73
C ASN B 93 9.20 -26.98 23.23
N PHE B 94 9.38 -25.80 22.64
CA PHE B 94 8.55 -24.65 22.96
C PHE B 94 7.06 -24.92 22.69
N ALA B 95 6.75 -25.40 21.48
CA ALA B 95 5.36 -25.67 21.08
C ALA B 95 4.68 -26.63 22.05
N GLU B 96 5.34 -27.75 22.32
CA GLU B 96 4.93 -28.72 23.34
C GLU B 96 4.56 -28.05 24.66
N GLN B 97 5.51 -27.28 25.19
CA GLN B 97 5.36 -26.60 26.48
C GLN B 97 4.23 -25.57 26.48
N VAL B 98 4.08 -24.85 25.38
CA VAL B 98 2.96 -23.91 25.26
C VAL B 98 1.63 -24.68 25.35
N GLU B 99 1.53 -25.79 24.60
CA GLU B 99 0.31 -26.62 24.57
C GLU B 99 0.04 -27.29 25.92
N ARG B 100 1.10 -27.86 26.51
CA ARG B 100 1.04 -28.48 27.84
C ARG B 100 0.57 -27.51 28.93
N SER B 101 0.94 -26.23 28.78
CA SER B 101 0.59 -25.20 29.75
C SER B 101 -0.80 -24.61 29.53
N GLY B 102 -1.54 -25.13 28.55
CA GLY B 102 -2.93 -24.74 28.36
C GLY B 102 -3.18 -23.57 27.42
N PHE B 103 -2.18 -23.26 26.59
CA PHE B 103 -2.28 -22.20 25.60
C PHE B 103 -2.30 -22.77 24.20
N ILE B 104 -2.88 -22.01 23.27
CA ILE B 104 -2.78 -22.32 21.84
C ILE B 104 -1.43 -21.82 21.30
N PHE B 105 -0.71 -22.73 20.63
CA PHE B 105 0.49 -22.37 19.87
C PHE B 105 0.05 -22.10 18.44
N ILE B 106 0.25 -20.86 18.00
CA ILE B 106 -0.19 -20.46 16.68
C ILE B 106 0.87 -20.92 15.69
N GLY B 107 0.64 -22.14 15.20
CA GLY B 107 1.61 -22.84 14.40
C GLY B 107 1.21 -24.30 14.38
N PRO B 108 2.08 -25.17 13.84
CA PRO B 108 1.73 -26.58 13.71
C PRO B 108 1.84 -27.29 15.06
N LYS B 109 1.35 -28.52 15.12
CA LYS B 109 1.55 -29.38 16.28
C LYS B 109 3.03 -29.64 16.46
N ALA B 110 3.45 -29.88 17.71
CA ALA B 110 4.87 -30.09 18.04
C ALA B 110 5.50 -31.25 17.26
N GLU B 111 4.72 -32.32 17.05
CA GLU B 111 5.18 -33.48 16.31
C GLU B 111 5.49 -33.11 14.86
N THR B 112 4.72 -32.16 14.33
CA THR B 112 4.90 -31.72 12.95
C THR B 112 6.17 -30.87 12.82
N ILE B 113 6.42 -30.03 13.82
CA ILE B 113 7.65 -29.25 13.89
C ILE B 113 8.90 -30.15 13.96
N ARG B 114 8.85 -31.23 14.72
CA ARG B 114 10.01 -32.09 14.74
C ARG B 114 10.12 -32.95 13.47
N LEU B 115 8.99 -33.29 12.86
CA LEU B 115 9.00 -34.01 11.57
C LEU B 115 9.53 -33.16 10.42
N MET B 116 9.15 -31.89 10.39
CA MET B 116 9.40 -31.03 9.21
C MET B 116 10.31 -29.84 9.47
N GLY B 117 10.37 -29.40 10.72
CA GLY B 117 11.26 -28.31 11.12
C GLY B 117 12.71 -28.75 11.11
N ASP B 118 12.96 -29.96 11.58
CA ASP B 118 14.29 -30.54 11.50
C ASP B 118 14.57 -30.93 10.04
N LYS B 119 15.69 -30.49 9.49
CA LYS B 119 15.90 -30.59 8.03
C LYS B 119 16.28 -31.99 7.51
N VAL B 120 16.98 -32.76 8.34
CA VAL B 120 17.26 -34.16 8.01
C VAL B 120 15.97 -35.01 7.97
N SER B 121 15.12 -34.91 8.99
CA SER B 121 13.85 -35.66 8.97
C SER B 121 12.90 -35.18 7.89
N ALA B 122 12.94 -33.89 7.56
CA ALA B 122 12.05 -33.32 6.52
C ALA B 122 12.32 -33.96 5.17
N ILE B 123 13.60 -34.01 4.80
CA ILE B 123 14.04 -34.68 3.59
C ILE B 123 13.62 -36.16 3.58
N ALA B 124 13.83 -36.86 4.69
CA ALA B 124 13.42 -38.27 4.82
C ALA B 124 11.92 -38.42 4.57
N ALA B 125 11.12 -37.64 5.29
CA ALA B 125 9.65 -37.59 5.15
C ALA B 125 9.21 -37.27 3.72
N MET B 126 9.82 -36.26 3.10
CA MET B 126 9.52 -35.93 1.70
C MET B 126 9.93 -37.03 0.73
N LYS B 127 11.10 -37.64 0.95
CA LYS B 127 11.54 -38.79 0.17
C LYS B 127 10.59 -39.97 0.33
N LYS B 128 10.19 -40.25 1.56
CA LYS B 128 9.17 -41.27 1.86
C LYS B 128 7.92 -41.04 1.04
N ALA B 129 7.51 -39.78 0.94
CA ALA B 129 6.30 -39.38 0.22
C ALA B 129 6.51 -39.28 -1.29
N GLY B 130 7.71 -39.66 -1.74
CA GLY B 130 8.04 -39.68 -3.17
C GLY B 130 8.21 -38.31 -3.83
N VAL B 131 8.51 -37.29 -3.01
CA VAL B 131 8.84 -35.96 -3.52
C VAL B 131 10.34 -35.91 -3.75
N PRO B 132 10.78 -35.64 -5.01
CA PRO B 132 12.21 -35.52 -5.31
C PRO B 132 12.86 -34.51 -4.40
N CYS B 133 13.99 -34.91 -3.83
CA CYS B 133 14.84 -34.04 -3.05
C CYS B 133 16.18 -33.94 -3.78
N VAL B 134 17.06 -33.09 -3.27
CA VAL B 134 18.43 -33.02 -3.80
C VAL B 134 19.18 -34.27 -3.30
N PRO B 135 19.96 -34.94 -4.17
CA PRO B 135 20.83 -36.04 -3.71
C PRO B 135 21.76 -35.60 -2.57
N GLY B 136 21.89 -36.44 -1.55
CA GLY B 136 22.68 -36.11 -0.38
C GLY B 136 22.86 -37.29 0.57
N SER B 137 23.36 -37.02 1.76
CA SER B 137 23.69 -38.07 2.74
C SER B 137 22.51 -38.93 3.18
N ASP B 138 21.29 -38.40 3.06
CA ASP B 138 20.04 -39.04 3.51
C ASP B 138 20.16 -39.56 4.95
N GLY B 139 20.63 -38.67 5.82
CA GLY B 139 20.82 -38.97 7.23
C GLY B 139 21.94 -38.11 7.76
N PRO B 140 22.11 -38.07 9.09
CA PRO B 140 23.19 -37.23 9.64
C PRO B 140 24.57 -37.74 9.24
N LEU B 141 25.53 -36.82 9.18
CA LEU B 141 26.91 -37.18 8.93
C LEU B 141 27.57 -37.57 10.25
N GLY B 142 28.24 -38.72 10.24
CA GLY B 142 29.03 -39.14 11.40
C GLY B 142 30.46 -38.63 11.32
N ASP B 143 31.36 -39.30 12.02
CA ASP B 143 32.76 -38.87 12.12
C ASP B 143 33.68 -39.64 11.19
N ASP B 144 33.16 -40.69 10.57
CA ASP B 144 33.93 -41.52 9.63
C ASP B 144 34.12 -40.78 8.31
N MET B 145 35.35 -40.36 8.05
CA MET B 145 35.66 -39.55 6.88
C MET B 145 35.75 -40.35 5.58
N ASP B 146 36.01 -41.65 5.69
CA ASP B 146 35.98 -42.53 4.52
C ASP B 146 34.56 -42.69 4.00
N LYS B 147 33.60 -42.69 4.92
CA LYS B 147 32.18 -42.76 4.59
C LYS B 147 31.69 -41.41 4.04
N ASN B 148 32.08 -40.31 4.70
CA ASN B 148 31.77 -38.95 4.24
C ASN B 148 32.33 -38.64 2.83
N ARG B 149 33.56 -39.07 2.56
CA ARG B 149 34.14 -38.96 1.22
C ARG B 149 33.39 -39.84 0.20
N ALA B 150 32.91 -40.98 0.66
CA ALA B 150 32.17 -41.90 -0.19
C ALA B 150 30.84 -41.26 -0.62
N ILE B 151 30.19 -40.57 0.31
CA ILE B 151 28.96 -39.82 0.01
C ILE B 151 29.21 -38.76 -1.05
N ALA B 152 30.25 -37.96 -0.86
CA ALA B 152 30.63 -36.91 -1.80
C ALA B 152 30.96 -37.45 -3.19
N LYS B 153 31.52 -38.66 -3.25
CA LYS B 153 31.75 -39.35 -4.51
C LYS B 153 30.42 -39.70 -5.21
N ARG B 154 29.48 -40.28 -4.48
CA ARG B 154 28.19 -40.69 -5.04
C ARG B 154 27.43 -39.54 -5.67
N ILE B 155 27.43 -38.39 -5.00
CA ILE B 155 26.62 -37.26 -5.43
C ILE B 155 27.39 -36.30 -6.35
N GLY B 156 28.70 -36.26 -6.19
CA GLY B 156 29.55 -35.48 -7.08
C GLY B 156 29.74 -34.05 -6.61
N TYR B 157 31.00 -33.67 -6.41
CA TYR B 157 31.36 -32.29 -6.06
C TYR B 157 30.89 -31.30 -7.15
N PRO B 158 30.61 -30.02 -6.76
CA PRO B 158 30.63 -29.54 -5.37
C PRO B 158 29.49 -30.09 -4.51
N VAL B 159 29.72 -30.13 -3.21
CA VAL B 159 28.70 -30.49 -2.24
C VAL B 159 28.56 -29.35 -1.21
N ILE B 160 27.55 -29.48 -0.36
CA ILE B 160 27.31 -28.47 0.67
C ILE B 160 27.02 -29.16 2.01
N ILE B 161 27.68 -28.67 3.06
CA ILE B 161 27.44 -29.17 4.40
C ILE B 161 26.42 -28.23 5.04
N LYS B 162 25.31 -28.82 5.49
CA LYS B 162 24.16 -28.05 5.99
C LYS B 162 23.80 -28.47 7.40
N ALA B 163 23.53 -27.49 8.26
CA ALA B 163 23.06 -27.75 9.61
C ALA B 163 21.58 -28.14 9.57
N SER B 164 21.25 -29.26 10.22
CA SER B 164 19.86 -29.71 10.32
C SER B 164 18.98 -28.72 11.08
N GLY B 165 19.56 -28.04 12.07
CA GLY B 165 18.84 -27.00 12.81
C GLY B 165 19.06 -25.59 12.27
N GLY B 166 19.58 -25.49 11.04
CA GLY B 166 20.03 -24.20 10.49
C GLY B 166 18.95 -23.27 9.97
N GLY B 167 19.23 -21.98 9.98
CA GLY B 167 18.30 -20.97 9.49
C GLY B 167 19.04 -19.71 9.10
N GLY B 168 18.42 -18.90 8.24
CA GLY B 168 19.01 -17.63 7.80
C GLY B 168 20.32 -17.75 7.02
N GLY B 169 20.59 -18.94 6.47
CA GLY B 169 21.83 -19.19 5.75
C GLY B 169 23.03 -19.55 6.64
N ARG B 170 22.80 -19.55 7.95
CA ARG B 170 23.86 -19.90 8.90
C ARG B 170 24.05 -21.42 9.01
N GLY B 171 25.29 -21.84 9.23
CA GLY B 171 25.61 -23.26 9.32
C GLY B 171 25.58 -23.97 7.99
N MET B 172 26.15 -23.32 6.97
CA MET B 172 26.24 -23.88 5.63
C MET B 172 27.60 -23.56 5.01
N ARG B 173 28.26 -24.58 4.47
CA ARG B 173 29.55 -24.42 3.80
C ARG B 173 29.61 -25.29 2.57
N VAL B 174 30.00 -24.64 1.47
CA VAL B 174 30.21 -25.32 0.19
C VAL B 174 31.60 -25.98 0.19
N VAL B 175 31.64 -27.18 -0.38
CA VAL B 175 32.87 -27.96 -0.43
C VAL B 175 33.12 -28.35 -1.88
N ARG B 176 34.26 -27.86 -2.40
CA ARG B 176 34.65 -28.05 -3.81
C ARG B 176 35.39 -29.37 -4.07
N GLY B 177 35.98 -29.95 -3.01
CA GLY B 177 36.74 -31.19 -3.11
C GLY B 177 37.10 -31.84 -1.78
N ASP B 178 37.68 -33.03 -1.86
CA ASP B 178 38.10 -33.83 -0.69
C ASP B 178 39.01 -33.07 0.28
N ALA B 179 39.84 -32.18 -0.25
CA ALA B 179 40.80 -31.44 0.56
C ALA B 179 40.17 -30.48 1.56
N GLU B 180 38.94 -30.05 1.32
CA GLU B 180 38.26 -29.13 2.24
C GLU B 180 37.18 -29.81 3.08
N LEU B 181 36.88 -31.07 2.77
CA LEU B 181 35.74 -31.77 3.36
C LEU B 181 35.73 -31.85 4.90
N ALA B 182 36.80 -32.38 5.49
CA ALA B 182 36.81 -32.66 6.93
C ALA B 182 36.66 -31.42 7.80
N GLN B 183 37.37 -30.36 7.44
CA GLN B 183 37.34 -29.11 8.22
C GLN B 183 36.03 -28.36 8.01
N SER B 184 35.51 -28.41 6.78
CA SER B 184 34.17 -27.90 6.48
C SER B 184 33.10 -28.56 7.36
N ILE B 185 33.13 -29.89 7.48
CA ILE B 185 32.25 -30.62 8.39
C ILE B 185 32.43 -30.16 9.85
N SER B 186 33.67 -30.22 10.35
CA SER B 186 33.98 -29.81 11.72
C SER B 186 33.52 -28.39 12.03
N MET B 187 33.80 -27.46 11.10
CA MET B 187 33.46 -26.05 11.29
C MET B 187 31.95 -25.78 11.24
N THR B 188 31.23 -26.50 10.38
CA THR B 188 29.77 -26.33 10.30
C THR B 188 29.10 -26.90 11.55
N ARG B 189 29.55 -28.08 11.98
CA ARG B 189 29.17 -28.63 13.29
C ARG B 189 29.31 -27.61 14.43
N ALA B 190 30.50 -26.99 14.51
CA ALA B 190 30.80 -25.99 15.56
C ALA B 190 29.88 -24.78 15.48
N GLU B 191 29.73 -24.24 14.27
CA GLU B 191 28.87 -23.09 14.01
C GLU B 191 27.41 -23.40 14.36
N ALA B 192 26.95 -24.59 13.94
CA ALA B 192 25.58 -25.05 14.24
C ALA B 192 25.40 -25.27 15.74
N LYS B 193 26.40 -25.83 16.40
CA LYS B 193 26.32 -26.04 17.84
C LYS B 193 26.15 -24.73 18.59
N ALA B 194 26.95 -23.72 18.23
CA ALA B 194 26.90 -22.42 18.92
C ALA B 194 25.66 -21.60 18.59
N ALA B 195 25.17 -21.70 17.36
CA ALA B 195 24.03 -20.91 16.92
C ALA B 195 22.67 -21.58 17.17
N PHE B 196 22.64 -22.90 17.11
CA PHE B 196 21.35 -23.62 17.09
C PHE B 196 21.24 -24.70 18.18
N SER B 197 22.27 -24.82 19.01
CA SER B 197 22.34 -25.85 20.08
C SER B 197 22.11 -27.25 19.49
N ASN B 198 22.61 -27.44 18.27
CA ASN B 198 22.41 -28.67 17.52
C ASN B 198 23.56 -28.81 16.54
N ASP B 199 24.41 -29.81 16.75
CA ASP B 199 25.58 -29.98 15.90
C ASP B 199 25.35 -30.92 14.72
N MET B 200 24.11 -31.41 14.58
CA MET B 200 23.78 -32.31 13.47
C MET B 200 23.87 -31.60 12.13
N VAL B 201 24.62 -32.23 11.23
CA VAL B 201 24.86 -31.70 9.90
C VAL B 201 24.62 -32.84 8.92
N TYR B 202 24.25 -32.48 7.68
CA TYR B 202 24.15 -33.44 6.59
C TYR B 202 24.84 -32.90 5.33
N MET B 203 24.94 -33.74 4.31
CA MET B 203 25.56 -33.35 3.07
C MET B 203 24.55 -33.38 1.94
N GLU B 204 24.64 -32.39 1.06
CA GLU B 204 23.76 -32.27 -0.07
C GLU B 204 24.60 -31.92 -1.30
N LYS B 205 24.20 -32.42 -2.46
CA LYS B 205 24.81 -32.03 -3.73
C LYS B 205 24.63 -30.51 -3.92
N TYR B 206 25.68 -29.82 -4.33
CA TYR B 206 25.59 -28.37 -4.57
C TYR B 206 25.18 -28.11 -6.01
N LEU B 207 23.97 -27.58 -6.19
CA LEU B 207 23.41 -27.35 -7.52
C LEU B 207 23.93 -26.05 -8.09
N GLU B 208 24.41 -26.13 -9.33
CA GLU B 208 25.18 -25.04 -9.93
C GLU B 208 24.35 -23.93 -10.58
N ASN B 209 23.17 -24.26 -11.09
CA ASN B 209 22.36 -23.27 -11.80
C ASN B 209 20.86 -23.22 -11.41
N PRO B 210 20.52 -23.45 -10.12
CA PRO B 210 19.09 -23.46 -9.83
C PRO B 210 18.55 -22.08 -9.46
N ARG B 211 17.22 -21.96 -9.45
CA ARG B 211 16.53 -20.84 -8.81
C ARG B 211 15.88 -21.32 -7.50
N HIS B 212 15.73 -20.41 -6.55
CA HIS B 212 15.01 -20.73 -5.32
C HIS B 212 13.55 -20.36 -5.52
N VAL B 213 12.71 -21.40 -5.59
CA VAL B 213 11.28 -21.25 -5.79
C VAL B 213 10.56 -22.00 -4.68
N GLU B 214 9.68 -21.28 -3.99
CA GLU B 214 9.02 -21.84 -2.81
C GLU B 214 7.50 -21.65 -2.90
N ILE B 215 6.80 -22.58 -2.27
CA ILE B 215 5.34 -22.61 -2.35
C ILE B 215 4.70 -22.35 -0.99
N GLN B 216 3.89 -21.30 -0.93
CA GLN B 216 3.16 -20.94 0.27
C GLN B 216 1.98 -21.90 0.42
N VAL B 217 1.80 -22.45 1.62
CA VAL B 217 0.64 -23.28 1.91
C VAL B 217 -0.13 -22.74 3.09
N LEU B 218 -1.41 -23.12 3.16
CA LEU B 218 -2.26 -22.95 4.33
C LEU B 218 -3.02 -24.25 4.52
N ALA B 219 -3.07 -24.74 5.77
CA ALA B 219 -3.85 -25.94 6.09
C ALA B 219 -4.52 -25.76 7.45
N ASP B 220 -5.73 -26.30 7.60
CA ASP B 220 -6.49 -26.02 8.83
C ASP B 220 -6.32 -27.06 9.96
N GLY B 221 -5.68 -28.18 9.63
CA GLY B 221 -5.55 -29.30 10.57
C GLY B 221 -6.85 -30.09 10.69
N GLN B 222 -7.80 -29.78 9.82
CA GLN B 222 -9.08 -30.48 9.74
C GLN B 222 -9.21 -31.18 8.38
N GLY B 223 -8.11 -31.18 7.60
CA GLY B 223 -8.04 -31.91 6.34
C GLY B 223 -7.98 -31.06 5.09
N ASN B 224 -8.24 -29.77 5.24
CA ASN B 224 -8.19 -28.85 4.11
C ASN B 224 -6.81 -28.22 3.99
N ALA B 225 -6.27 -28.21 2.78
CA ALA B 225 -4.96 -27.64 2.52
C ALA B 225 -4.94 -27.02 1.12
N ILE B 226 -4.32 -25.83 1.01
CA ILE B 226 -4.29 -25.09 -0.26
C ILE B 226 -2.88 -24.51 -0.46
N TYR B 227 -2.53 -24.25 -1.72
CA TYR B 227 -1.29 -23.55 -2.05
C TYR B 227 -1.62 -22.20 -2.65
N LEU B 228 -0.77 -21.23 -2.36
CA LEU B 228 -1.00 -19.87 -2.82
C LEU B 228 0.16 -19.51 -3.72
N ALA B 229 0.15 -20.07 -4.93
CA ALA B 229 1.14 -19.82 -5.96
C ALA B 229 2.55 -20.00 -5.39
N GLU B 230 3.49 -19.22 -5.87
CA GLU B 230 4.86 -19.38 -5.42
C GLU B 230 5.59 -18.05 -5.34
N ARG B 231 6.85 -18.14 -4.89
CA ARG B 231 7.74 -17.01 -4.75
C ARG B 231 9.10 -17.41 -5.29
N ASP B 232 9.77 -16.49 -5.99
CA ASP B 232 11.17 -16.66 -6.36
C ASP B 232 12.04 -15.83 -5.40
N CYS B 233 13.01 -16.48 -4.76
CA CYS B 233 13.84 -15.78 -3.78
C CYS B 233 15.32 -15.99 -4.08
N SER B 234 15.70 -15.85 -5.36
CA SER B 234 17.03 -16.25 -5.85
C SER B 234 18.14 -15.24 -5.57
N MET B 235 17.78 -13.97 -5.34
CA MET B 235 18.78 -12.95 -4.98
C MET B 235 19.22 -13.19 -3.54
N GLN B 236 20.46 -13.62 -3.38
CA GLN B 236 20.93 -14.11 -2.10
C GLN B 236 22.39 -13.70 -1.83
N ARG B 237 22.71 -13.54 -0.55
CA ARG B 237 24.07 -13.28 -0.11
C ARG B 237 24.29 -14.14 1.12
N ARG B 238 25.40 -14.89 1.14
CA ARG B 238 25.71 -15.84 2.23
C ARG B 238 24.56 -16.82 2.48
N HIS B 239 23.96 -17.32 1.38
CA HIS B 239 22.83 -18.27 1.43
C HIS B 239 21.57 -17.72 2.13
N GLN B 240 21.44 -16.40 2.19
CA GLN B 240 20.27 -15.74 2.78
C GLN B 240 19.62 -14.80 1.80
N LYS B 241 18.28 -14.84 1.77
CA LYS B 241 17.47 -14.03 0.87
C LYS B 241 17.64 -12.52 1.04
N VAL B 242 17.73 -11.81 -0.08
CA VAL B 242 17.85 -10.35 -0.10
C VAL B 242 16.63 -9.73 -0.79
N VAL B 243 16.15 -10.36 -1.86
CA VAL B 243 14.99 -9.88 -2.61
C VAL B 243 14.10 -11.09 -2.86
N GLU B 244 12.79 -10.91 -2.71
CA GLU B 244 11.83 -11.97 -3.03
C GLU B 244 10.74 -11.37 -3.92
N GLU B 245 10.16 -12.21 -4.76
CA GLU B 245 9.07 -11.77 -5.63
C GLU B 245 8.04 -12.87 -5.82
N ALA B 246 6.84 -12.47 -6.23
CA ALA B 246 5.73 -13.39 -6.50
C ALA B 246 4.86 -12.82 -7.63
N PRO B 247 4.38 -13.68 -8.56
CA PRO B 247 4.70 -15.10 -8.68
C PRO B 247 6.14 -15.26 -9.23
N ALA B 248 6.64 -16.48 -9.29
CA ALA B 248 7.97 -16.72 -9.83
C ALA B 248 7.92 -16.70 -11.36
N PRO B 249 8.75 -15.84 -12.00
CA PRO B 249 8.83 -15.78 -13.47
C PRO B 249 9.07 -17.13 -14.12
N GLY B 250 8.40 -17.37 -15.25
CA GLY B 250 8.65 -18.57 -16.05
C GLY B 250 8.17 -19.88 -15.45
N ILE B 251 7.39 -19.81 -14.38
CA ILE B 251 6.71 -20.99 -13.84
C ILE B 251 5.35 -21.05 -14.51
N THR B 252 5.15 -22.06 -15.34
CA THR B 252 3.97 -22.19 -16.15
C THR B 252 2.81 -22.70 -15.29
N PRO B 253 1.56 -22.49 -15.75
CA PRO B 253 0.42 -23.06 -15.02
C PRO B 253 0.56 -24.56 -14.73
N GLU B 254 0.99 -25.37 -15.69
CA GLU B 254 1.10 -26.81 -15.43
C GLU B 254 2.12 -27.10 -14.31
N LEU B 255 3.26 -26.42 -14.33
CA LEU B 255 4.26 -26.55 -13.27
C LEU B 255 3.75 -26.04 -11.91
N ARG B 256 3.03 -24.91 -11.90
CA ARG B 256 2.45 -24.36 -10.66
C ARG B 256 1.48 -25.36 -10.01
N ARG B 257 0.58 -25.94 -10.82
CA ARG B 257 -0.37 -26.88 -10.24
C ARG B 257 0.31 -28.18 -9.86
N TYR B 258 1.22 -28.64 -10.70
CA TYR B 258 1.97 -29.85 -10.38
C TYR B 258 2.61 -29.77 -8.98
N ILE B 259 3.42 -28.74 -8.77
CA ILE B 259 4.14 -28.59 -7.51
C ILE B 259 3.21 -28.16 -6.34
N GLY B 260 2.29 -27.24 -6.61
CA GLY B 260 1.36 -26.77 -5.58
C GLY B 260 0.50 -27.93 -5.09
N GLU B 261 -0.08 -28.69 -6.01
CA GLU B 261 -0.87 -29.87 -5.60
C GLU B 261 -0.05 -30.87 -4.76
N ARG B 262 1.23 -31.08 -5.11
CA ARG B 262 2.08 -31.98 -4.34
C ARG B 262 2.30 -31.51 -2.91
N CYS B 263 2.41 -30.20 -2.74
CA CYS B 263 2.66 -29.59 -1.45
C CYS B 263 1.42 -29.62 -0.57
N ALA B 264 0.26 -29.37 -1.19
CA ALA B 264 -1.02 -29.46 -0.48
C ALA B 264 -1.28 -30.89 -0.04
N LYS B 265 -1.02 -31.86 -0.91
CA LYS B 265 -1.15 -33.27 -0.57
C LYS B 265 -0.23 -33.66 0.59
N ALA B 266 1.02 -33.21 0.54
CA ALA B 266 1.96 -33.42 1.64
C ALA B 266 1.44 -32.87 2.97
N CYS B 267 0.81 -31.68 2.95
CA CYS B 267 0.19 -31.11 4.16
C CYS B 267 -0.86 -32.04 4.75
N VAL B 268 -1.80 -32.47 3.91
CA VAL B 268 -2.86 -33.39 4.33
C VAL B 268 -2.25 -34.67 4.90
N ASP B 269 -1.28 -35.22 4.19
CA ASP B 269 -0.65 -36.48 4.58
C ASP B 269 0.05 -36.46 5.93
N ILE B 270 0.62 -35.32 6.30
CA ILE B 270 1.26 -35.18 7.61
C ILE B 270 0.37 -34.48 8.66
N GLY B 271 -0.85 -34.12 8.26
CA GLY B 271 -1.75 -33.41 9.17
C GLY B 271 -1.24 -32.02 9.53
N TYR B 272 -0.63 -31.35 8.55
CA TYR B 272 -0.11 -30.00 8.74
C TYR B 272 -1.19 -29.04 9.18
N ARG B 273 -0.81 -28.11 10.06
CA ARG B 273 -1.73 -27.09 10.56
C ARG B 273 -1.10 -25.70 10.55
N GLY B 274 -1.76 -24.77 9.85
CA GLY B 274 -1.34 -23.36 9.84
C GLY B 274 -0.70 -22.96 8.53
N ALA B 275 0.03 -21.86 8.57
CA ALA B 275 0.83 -21.41 7.45
C ALA B 275 2.18 -22.15 7.43
N GLY B 276 2.76 -22.28 6.25
CA GLY B 276 4.07 -22.89 6.07
C GLY B 276 4.51 -22.73 4.61
N THR B 277 5.77 -23.05 4.34
CA THR B 277 6.34 -22.90 2.99
C THR B 277 7.23 -24.09 2.69
N PHE B 278 6.99 -24.72 1.53
CA PHE B 278 7.89 -25.72 0.98
C PHE B 278 8.86 -25.05 0.03
N GLU B 279 10.15 -25.16 0.35
CA GLU B 279 11.20 -24.49 -0.40
C GLU B 279 11.91 -25.46 -1.33
N PHE B 280 12.08 -25.06 -2.59
CA PHE B 280 12.67 -25.91 -3.61
C PHE B 280 13.81 -25.21 -4.32
N LEU B 281 14.75 -26.01 -4.81
CA LEU B 281 15.66 -25.59 -5.86
C LEU B 281 15.03 -26.02 -7.19
N PHE B 282 15.02 -25.10 -8.17
CA PHE B 282 14.37 -25.32 -9.44
C PHE B 282 15.41 -25.16 -10.55
N GLU B 283 15.67 -26.25 -11.26
CA GLU B 283 16.74 -26.28 -12.27
C GLU B 283 16.29 -27.23 -13.35
N ASN B 284 16.53 -26.84 -14.61
CA ASN B 284 16.15 -27.68 -15.75
C ASN B 284 14.70 -28.15 -15.74
N GLY B 285 13.77 -27.29 -15.32
CA GLY B 285 12.36 -27.64 -15.29
C GLY B 285 11.96 -28.60 -14.19
N GLU B 286 12.85 -28.86 -13.24
CA GLU B 286 12.59 -29.80 -12.14
C GLU B 286 12.70 -29.12 -10.78
N PHE B 287 11.80 -29.48 -9.87
CA PHE B 287 11.85 -29.02 -8.47
C PHE B 287 12.57 -30.02 -7.58
N TYR B 288 13.42 -29.51 -6.70
CA TYR B 288 14.06 -30.33 -5.69
C TYR B 288 13.83 -29.74 -4.31
N PHE B 289 13.14 -30.49 -3.46
CA PHE B 289 12.83 -30.05 -2.10
C PHE B 289 14.09 -29.85 -1.28
N ILE B 290 14.21 -28.70 -0.60
CA ILE B 290 15.32 -28.48 0.33
C ILE B 290 14.88 -28.26 1.79
N GLU B 291 13.74 -27.58 1.98
CA GLU B 291 13.33 -27.15 3.32
C GLU B 291 11.84 -26.86 3.39
N MET B 292 11.24 -27.22 4.52
CA MET B 292 9.93 -26.71 4.86
C MET B 292 10.00 -25.81 6.08
N ASN B 293 9.53 -24.57 5.94
CA ASN B 293 9.37 -23.69 7.09
C ASN B 293 7.99 -23.85 7.70
N THR B 294 7.95 -24.30 8.96
CA THR B 294 6.70 -24.62 9.66
C THR B 294 6.27 -23.43 10.53
N ARG B 295 6.04 -22.31 9.85
CA ARG B 295 5.88 -20.99 10.46
C ARG B 295 5.61 -20.00 9.33
N ILE B 296 5.25 -18.77 9.69
CA ILE B 296 5.12 -17.69 8.71
C ILE B 296 6.51 -17.36 8.08
N GLN B 297 6.54 -16.98 6.81
CA GLN B 297 7.77 -16.53 6.13
C GLN B 297 7.98 -15.05 6.34
N VAL B 298 9.25 -14.62 6.36
CA VAL B 298 9.57 -13.19 6.29
C VAL B 298 8.86 -12.53 5.11
N GLU B 299 8.99 -13.14 3.94
CA GLU B 299 8.53 -12.57 2.69
C GLU B 299 7.05 -12.84 2.36
N HIS B 300 6.28 -13.27 3.36
CA HIS B 300 4.85 -13.50 3.18
C HIS B 300 4.07 -12.35 2.49
N PRO B 301 4.47 -11.06 2.71
CA PRO B 301 3.70 -9.99 2.06
C PRO B 301 3.62 -10.02 0.54
N VAL B 302 4.63 -10.55 -0.16
CA VAL B 302 4.54 -10.59 -1.63
C VAL B 302 3.37 -11.51 -2.09
N THR B 303 3.15 -12.60 -1.37
CA THR B 303 2.03 -13.50 -1.65
C THR B 303 0.69 -12.87 -1.31
N GLU B 304 0.65 -12.15 -0.19
CA GLU B 304 -0.55 -11.39 0.21
C GLU B 304 -0.97 -10.40 -0.87
N MET B 305 0.00 -9.67 -1.41
CA MET B 305 -0.31 -8.66 -2.42
C MET B 305 -0.83 -9.22 -3.75
N ILE B 306 -0.40 -10.42 -4.14
CA ILE B 306 -0.87 -10.98 -5.42
C ILE B 306 -2.11 -11.85 -5.30
N THR B 307 -2.46 -12.27 -4.08
CA THR B 307 -3.64 -13.14 -3.84
C THR B 307 -4.79 -12.45 -3.10
N GLY B 308 -4.46 -11.38 -2.38
CA GLY B 308 -5.43 -10.71 -1.49
C GLY B 308 -5.63 -11.40 -0.15
N VAL B 309 -4.96 -12.53 0.06
CA VAL B 309 -5.07 -13.27 1.32
C VAL B 309 -4.20 -12.69 2.43
N ASP B 310 -4.82 -12.37 3.56
CA ASP B 310 -4.11 -11.95 4.76
C ASP B 310 -3.60 -13.22 5.47
N LEU B 311 -2.31 -13.48 5.37
CA LEU B 311 -1.73 -14.70 5.94
C LEU B 311 -1.67 -14.77 7.46
N ILE B 312 -1.44 -13.62 8.09
CA ILE B 312 -1.44 -13.55 9.55
C ILE B 312 -2.84 -13.81 10.08
N LYS B 313 -3.83 -13.10 9.52
CA LYS B 313 -5.23 -13.33 9.91
C LYS B 313 -5.66 -14.79 9.73
N GLU B 314 -5.22 -15.43 8.64
CA GLU B 314 -5.45 -16.86 8.44
C GLU B 314 -4.81 -17.73 9.53
N GLN B 315 -3.57 -17.42 9.90
CA GLN B 315 -2.93 -18.13 11.00
C GLN B 315 -3.79 -18.09 12.26
N LEU B 316 -4.27 -16.90 12.59
CA LEU B 316 -5.10 -16.69 13.79
C LEU B 316 -6.43 -17.42 13.70
N ARG B 317 -7.08 -17.35 12.53
CA ARG B 317 -8.31 -18.09 12.28
C ARG B 317 -8.13 -19.60 12.44
N ILE B 318 -7.05 -20.13 11.87
CA ILE B 318 -6.73 -21.56 11.96
C ILE B 318 -6.47 -21.94 13.43
N ALA B 319 -5.68 -21.11 14.12
CA ALA B 319 -5.38 -21.29 15.54
C ALA B 319 -6.63 -21.29 16.43
N ALA B 320 -7.64 -20.51 16.06
CA ALA B 320 -8.91 -20.49 16.77
C ALA B 320 -9.80 -21.73 16.50
N GLY B 321 -9.42 -22.55 15.53
CA GLY B 321 -10.18 -23.75 15.20
C GLY B 321 -11.12 -23.61 14.02
N GLN B 322 -11.02 -22.49 13.30
CA GLN B 322 -11.84 -22.29 12.11
C GLN B 322 -11.26 -22.98 10.87
N PRO B 323 -12.13 -23.57 10.01
CA PRO B 323 -11.66 -24.16 8.76
C PRO B 323 -11.09 -23.08 7.84
N LEU B 324 -10.36 -23.47 6.80
CA LEU B 324 -9.79 -22.48 5.87
C LEU B 324 -10.90 -21.60 5.32
N SER B 325 -10.62 -20.31 5.14
CA SER B 325 -11.64 -19.39 4.63
C SER B 325 -11.80 -19.44 3.10
N ILE B 326 -10.96 -20.23 2.43
CA ILE B 326 -10.91 -20.27 0.96
C ILE B 326 -10.56 -21.67 0.41
N LYS B 327 -11.23 -22.04 -0.70
CA LYS B 327 -10.91 -23.25 -1.44
C LYS B 327 -9.87 -22.92 -2.50
N GLN B 328 -9.22 -23.96 -3.03
CA GLN B 328 -8.18 -23.81 -4.06
C GLN B 328 -8.66 -23.06 -5.30
N GLU B 329 -9.84 -23.45 -5.81
CA GLU B 329 -10.43 -22.82 -7.01
C GLU B 329 -10.73 -21.33 -6.81
N GLU B 330 -10.71 -20.87 -5.56
CA GLU B 330 -10.91 -19.46 -5.21
C GLU B 330 -9.61 -18.63 -5.16
N VAL B 331 -8.46 -19.29 -5.15
CA VAL B 331 -7.17 -18.59 -5.12
C VAL B 331 -6.89 -17.98 -6.49
N HIS B 332 -6.86 -16.65 -6.58
CA HIS B 332 -6.52 -16.01 -7.84
C HIS B 332 -5.31 -15.09 -7.75
N VAL B 333 -4.33 -15.36 -8.61
CA VAL B 333 -3.13 -14.55 -8.72
C VAL B 333 -3.43 -13.38 -9.65
N ARG B 334 -3.17 -12.17 -9.15
CA ARG B 334 -3.29 -10.95 -9.95
C ARG B 334 -2.05 -10.09 -9.70
N GLY B 335 -1.41 -9.65 -10.78
CA GLY B 335 -0.28 -8.71 -10.67
C GLY B 335 1.00 -9.38 -10.19
N HIS B 336 1.92 -8.56 -9.68
CA HIS B 336 3.25 -9.03 -9.33
C HIS B 336 3.71 -8.21 -8.13
N ALA B 337 4.49 -8.81 -7.25
CA ALA B 337 5.03 -8.10 -6.08
C ALA B 337 6.50 -8.44 -5.89
N VAL B 338 7.30 -7.46 -5.48
CA VAL B 338 8.72 -7.61 -5.20
C VAL B 338 8.95 -7.08 -3.77
N GLU B 339 9.75 -7.80 -2.98
CA GLU B 339 10.12 -7.33 -1.64
C GLU B 339 11.62 -7.12 -1.55
N CYS B 340 12.03 -5.95 -1.06
CA CYS B 340 13.44 -5.72 -0.73
C CYS B 340 13.54 -5.71 0.80
N ARG B 341 14.34 -6.62 1.36
CA ARG B 341 14.69 -6.55 2.78
C ARG B 341 15.59 -5.34 3.06
N ILE B 342 15.36 -4.67 4.17
CA ILE B 342 16.13 -3.50 4.56
C ILE B 342 16.91 -3.88 5.84
N ASN B 343 18.23 -3.75 5.78
CA ASN B 343 19.07 -4.25 6.86
C ASN B 343 19.98 -3.16 7.36
N ALA B 344 20.13 -3.07 8.68
CA ALA B 344 21.07 -2.14 9.33
C ALA B 344 22.48 -2.76 9.26
N GLU B 345 23.14 -2.57 8.12
CA GLU B 345 24.44 -3.20 7.85
C GLU B 345 25.19 -2.37 6.81
N ASP B 346 26.52 -2.53 6.76
CA ASP B 346 27.32 -1.88 5.74
C ASP B 346 26.88 -2.41 4.37
N PRO B 347 26.49 -1.51 3.44
CA PRO B 347 26.02 -1.94 2.11
C PRO B 347 27.09 -2.60 1.23
N ASN B 348 28.35 -2.49 1.66
CA ASN B 348 29.49 -3.07 0.96
C ASN B 348 30.10 -4.29 1.64
N THR B 349 30.41 -4.18 2.92
CA THR B 349 31.05 -5.25 3.68
C THR B 349 30.04 -6.13 4.44
N PHE B 350 28.87 -5.57 4.70
CA PHE B 350 27.75 -6.28 5.36
C PHE B 350 27.99 -6.49 6.87
N LEU B 351 28.84 -5.64 7.44
CA LEU B 351 29.03 -5.62 8.88
C LEU B 351 27.85 -4.89 9.52
N PRO B 352 27.23 -5.51 10.54
CA PRO B 352 26.08 -4.90 11.21
C PRO B 352 26.33 -3.45 11.61
N SER B 353 25.30 -2.63 11.52
CA SER B 353 25.42 -1.20 11.81
C SER B 353 24.36 -0.72 12.81
N PRO B 354 24.47 -1.12 14.09
CA PRO B 354 23.51 -0.68 15.10
C PRO B 354 23.66 0.81 15.39
N GLY B 355 22.66 1.40 16.04
CA GLY B 355 22.76 2.79 16.46
C GLY B 355 21.47 3.55 16.29
N LYS B 356 21.53 4.87 16.47
CA LYS B 356 20.34 5.69 16.50
C LYS B 356 19.97 6.25 15.11
N ILE B 357 18.71 6.04 14.72
CA ILE B 357 18.20 6.59 13.48
C ILE B 357 17.87 8.07 13.72
N THR B 358 18.58 8.96 13.03
CA THR B 358 18.46 10.40 13.24
C THR B 358 17.42 11.04 12.32
N ARG B 359 17.19 10.42 11.17
CA ARG B 359 16.19 10.89 10.22
C ARG B 359 15.57 9.67 9.53
N PHE B 360 14.24 9.65 9.47
CA PHE B 360 13.52 8.57 8.81
C PHE B 360 12.35 9.09 7.98
N HIS B 361 12.31 8.62 6.73
CA HIS B 361 11.16 8.87 5.88
C HIS B 361 10.78 7.63 5.11
N ALA B 362 9.50 7.26 5.18
CA ALA B 362 9.00 6.06 4.49
C ALA B 362 8.43 6.39 3.10
N PRO B 363 8.66 5.51 2.11
CA PRO B 363 8.04 5.73 0.81
C PRO B 363 6.53 5.55 0.88
N GLY B 364 5.81 5.96 -0.17
CA GLY B 364 4.37 5.76 -0.26
C GLY B 364 3.92 5.75 -1.71
N GLY B 365 2.62 5.73 -1.90
CA GLY B 365 2.04 5.70 -3.24
C GLY B 365 1.27 4.44 -3.51
N PHE B 366 0.63 4.40 -4.68
CA PHE B 366 -0.15 3.26 -5.15
C PHE B 366 0.77 2.04 -5.23
N GLY B 367 0.38 0.96 -4.57
CA GLY B 367 1.10 -0.32 -4.64
C GLY B 367 2.35 -0.43 -3.76
N VAL B 368 2.59 0.59 -2.93
CA VAL B 368 3.79 0.64 -2.08
C VAL B 368 3.43 0.22 -0.66
N ARG B 369 4.09 -0.84 -0.16
CA ARG B 369 3.83 -1.32 1.20
C ARG B 369 5.14 -1.37 2.01
N TRP B 370 5.18 -0.59 3.08
CA TRP B 370 6.31 -0.45 3.96
C TRP B 370 6.02 -1.16 5.28
N GLU B 371 6.87 -2.11 5.62
CA GLU B 371 6.68 -2.97 6.80
C GLU B 371 7.86 -2.80 7.74
N SER B 372 7.73 -1.89 8.71
CA SER B 372 8.82 -1.66 9.66
C SER B 372 8.39 -0.92 10.90
N HIS B 373 9.02 -1.30 12.02
CA HIS B 373 8.86 -0.64 13.31
C HIS B 373 9.72 0.62 13.49
N ILE B 374 10.69 0.84 12.58
CA ILE B 374 11.66 1.93 12.78
C ILE B 374 11.00 3.29 12.65
N TYR B 375 11.58 4.28 13.36
CA TYR B 375 11.10 5.64 13.39
C TYR B 375 12.26 6.55 13.78
N ALA B 376 12.12 7.85 13.52
CA ALA B 376 13.18 8.80 13.85
C ALA B 376 13.40 8.88 15.37
N GLY B 377 14.65 8.78 15.80
CA GLY B 377 14.97 8.70 17.22
C GLY B 377 15.08 7.27 17.74
N TYR B 378 14.68 6.30 16.91
CA TYR B 378 14.74 4.91 17.33
C TYR B 378 16.17 4.38 17.23
N THR B 379 16.59 3.64 18.26
CA THR B 379 17.91 3.05 18.30
C THR B 379 17.82 1.57 17.96
N VAL B 380 18.48 1.19 16.87
CA VAL B 380 18.62 -0.21 16.50
C VAL B 380 19.68 -0.83 17.42
N PRO B 381 19.28 -1.86 18.19
CA PRO B 381 20.21 -2.47 19.15
C PRO B 381 21.24 -3.38 18.46
N PRO B 382 22.39 -3.67 19.13
CA PRO B 382 23.37 -4.58 18.53
C PRO B 382 23.01 -6.06 18.68
N TYR B 383 21.97 -6.35 19.45
CA TYR B 383 21.73 -7.72 19.93
C TYR B 383 21.08 -8.69 18.94
N TYR B 384 20.43 -8.16 17.90
CA TYR B 384 19.54 -8.99 17.11
C TYR B 384 19.91 -9.00 15.62
N ASP B 385 19.12 -9.71 14.82
CA ASP B 385 19.32 -9.79 13.39
C ASP B 385 19.25 -8.41 12.75
N SER B 386 20.07 -8.18 11.72
CA SER B 386 20.18 -6.86 11.10
C SER B 386 18.94 -6.38 10.35
N MET B 387 17.99 -7.27 10.04
CA MET B 387 16.82 -6.86 9.25
C MET B 387 15.88 -5.95 10.04
N ILE B 388 15.69 -4.73 9.55
CA ILE B 388 14.92 -3.71 10.28
C ILE B 388 13.60 -3.33 9.59
N GLY B 389 13.44 -3.75 8.34
CA GLY B 389 12.23 -3.45 7.59
C GLY B 389 12.17 -4.19 6.28
N LYS B 390 11.01 -4.11 5.63
CA LYS B 390 10.79 -4.73 4.33
C LYS B 390 9.98 -3.76 3.49
N LEU B 391 10.46 -3.51 2.28
CA LEU B 391 9.73 -2.68 1.34
C LEU B 391 9.13 -3.59 0.28
N ILE B 392 7.82 -3.49 0.10
CA ILE B 392 7.13 -4.36 -0.84
C ILE B 392 6.37 -3.50 -1.82
N CYS B 393 6.61 -3.74 -3.11
CA CYS B 393 5.89 -3.01 -4.16
C CYS B 393 5.10 -3.94 -5.06
N TYR B 394 3.82 -3.60 -5.24
CA TYR B 394 2.91 -4.35 -6.08
C TYR B 394 2.67 -3.58 -7.37
N GLY B 395 2.54 -4.30 -8.48
CA GLY B 395 2.10 -3.69 -9.72
C GLY B 395 1.28 -4.65 -10.55
N GLU B 396 0.57 -4.10 -11.52
CA GLU B 396 -0.21 -4.88 -12.49
C GLU B 396 0.64 -5.93 -13.23
N ASN B 397 1.95 -5.70 -13.30
CA ASN B 397 2.88 -6.65 -13.91
C ASN B 397 4.26 -6.51 -13.27
N ARG B 398 5.18 -7.42 -13.58
CA ARG B 398 6.51 -7.39 -12.98
C ARG B 398 7.25 -6.07 -13.22
N ASP B 399 7.19 -5.57 -14.46
CA ASP B 399 7.86 -4.30 -14.81
C ASP B 399 7.37 -3.14 -13.94
N VAL B 400 6.07 -3.05 -13.74
CA VAL B 400 5.48 -1.99 -12.91
C VAL B 400 5.92 -2.13 -11.44
N ALA B 401 5.92 -3.35 -10.92
CA ALA B 401 6.37 -3.61 -9.53
C ALA B 401 7.83 -3.17 -9.31
N ILE B 402 8.70 -3.54 -10.25
CA ILE B 402 10.11 -3.17 -10.19
C ILE B 402 10.28 -1.65 -10.30
N ALA B 403 9.55 -1.03 -11.23
CA ALA B 403 9.63 0.41 -11.44
C ALA B 403 9.16 1.13 -10.18
N ARG B 404 8.12 0.59 -9.54
CA ARG B 404 7.63 1.12 -8.25
C ARG B 404 8.67 1.01 -7.15
N MET B 405 9.38 -0.13 -7.14
CA MET B 405 10.44 -0.35 -6.15
C MET B 405 11.59 0.64 -6.32
N LYS B 406 12.02 0.86 -7.56
CA LYS B 406 13.02 1.90 -7.87
C LYS B 406 12.64 3.25 -7.28
N ASN B 407 11.41 3.68 -7.55
CA ASN B 407 10.90 4.96 -7.05
C ASN B 407 10.83 4.97 -5.54
N ALA B 408 10.33 3.89 -4.94
CA ALA B 408 10.15 3.85 -3.48
C ALA B 408 11.50 3.86 -2.75
N LEU B 409 12.49 3.18 -3.32
CA LEU B 409 13.85 3.17 -2.75
C LEU B 409 14.51 4.53 -2.74
N GLN B 410 14.24 5.34 -3.77
CA GLN B 410 14.73 6.72 -3.84
C GLN B 410 14.10 7.61 -2.77
N GLU B 411 12.91 7.24 -2.28
CA GLU B 411 12.20 8.02 -1.25
C GLU B 411 12.56 7.64 0.19
N LEU B 412 12.97 6.39 0.38
CA LEU B 412 13.30 5.86 1.69
C LEU B 412 14.53 6.54 2.26
N ILE B 413 14.37 7.23 3.39
CA ILE B 413 15.51 7.86 4.06
C ILE B 413 15.73 7.18 5.40
N ILE B 414 16.92 6.59 5.60
CA ILE B 414 17.31 6.09 6.92
C ILE B 414 18.74 6.57 7.21
N ASP B 415 18.84 7.61 8.02
CA ASP B 415 20.13 8.23 8.36
C ASP B 415 20.51 7.88 9.79
N GLY B 416 21.82 7.83 10.06
CA GLY B 416 22.33 7.61 11.41
C GLY B 416 23.01 6.27 11.56
N ILE B 417 22.64 5.35 10.69
CA ILE B 417 23.17 3.99 10.66
C ILE B 417 23.36 3.64 9.19
N LYS B 418 24.22 2.66 8.92
CA LYS B 418 24.41 2.17 7.55
C LYS B 418 23.27 1.22 7.23
N THR B 419 22.82 1.22 5.97
CA THR B 419 21.84 0.23 5.52
C THR B 419 22.23 -0.31 4.15
N ASN B 420 21.50 -1.33 3.70
CA ASN B 420 21.67 -1.87 2.38
C ASN B 420 20.72 -1.25 1.34
N VAL B 421 20.23 -0.04 1.61
CA VAL B 421 19.34 0.65 0.64
C VAL B 421 20.04 0.84 -0.71
N ASP B 422 21.33 1.20 -0.64
CA ASP B 422 22.12 1.42 -1.84
C ASP B 422 22.34 0.13 -2.63
N LEU B 423 22.51 -1.00 -1.93
CA LEU B 423 22.53 -2.30 -2.60
C LEU B 423 21.21 -2.60 -3.31
N GLN B 424 20.10 -2.40 -2.63
CA GLN B 424 18.79 -2.72 -3.20
C GLN B 424 18.54 -1.89 -4.46
N ILE B 425 18.89 -0.61 -4.40
CA ILE B 425 18.88 0.25 -5.60
C ILE B 425 19.66 -0.38 -6.76
N ARG B 426 20.89 -0.83 -6.51
CA ARG B 426 21.72 -1.45 -7.54
C ARG B 426 21.05 -2.71 -8.12
N ILE B 427 20.54 -3.57 -7.24
CA ILE B 427 19.80 -4.77 -7.71
C ILE B 427 18.62 -4.41 -8.62
N MET B 428 17.80 -3.42 -8.25
CA MET B 428 16.62 -3.06 -9.05
C MET B 428 17.00 -2.50 -10.42
N ASN B 429 18.18 -1.88 -10.50
CA ASN B 429 18.74 -1.29 -11.72
C ASN B 429 19.50 -2.31 -12.57
N ASP B 430 19.63 -3.53 -12.06
CA ASP B 430 20.37 -4.60 -12.75
C ASP B 430 19.52 -5.12 -13.92
N GLU B 431 20.09 -5.08 -15.13
CA GLU B 431 19.41 -5.51 -16.36
C GLU B 431 18.98 -6.97 -16.37
N ASN B 432 19.82 -7.83 -15.81
CA ASN B 432 19.54 -9.28 -15.72
C ASN B 432 18.39 -9.59 -14.76
N PHE B 433 18.35 -8.88 -13.64
CA PHE B 433 17.22 -8.95 -12.74
C PHE B 433 15.95 -8.46 -13.43
N GLN B 434 16.07 -7.36 -14.15
CA GLN B 434 14.93 -6.81 -14.90
C GLN B 434 14.38 -7.80 -15.95
N HIS B 435 15.25 -8.60 -16.58
CA HIS B 435 14.78 -9.67 -17.47
C HIS B 435 14.11 -10.80 -16.70
N GLY B 436 14.65 -11.13 -15.52
CA GLY B 436 14.09 -12.17 -14.68
C GLY B 436 14.76 -13.54 -14.83
N GLY B 437 14.57 -14.40 -13.84
CA GLY B 437 15.11 -15.75 -13.87
C GLY B 437 16.60 -15.91 -13.57
N THR B 438 17.21 -14.93 -12.92
CA THR B 438 18.60 -15.10 -12.48
C THR B 438 18.68 -16.16 -11.38
N ASN B 439 19.81 -16.87 -11.32
CA ASN B 439 19.96 -18.02 -10.44
C ASN B 439 20.41 -17.63 -9.04
N ILE B 440 20.52 -18.59 -8.14
CA ILE B 440 20.81 -18.32 -6.72
C ILE B 440 22.24 -17.79 -6.47
N HIS B 441 23.10 -17.91 -7.48
CA HIS B 441 24.50 -17.49 -7.36
C HIS B 441 24.76 -16.11 -7.92
N TYR B 442 23.74 -15.52 -8.55
CA TYR B 442 23.91 -14.29 -9.33
C TYR B 442 24.36 -13.07 -8.54
N LEU B 443 23.79 -12.83 -7.36
CA LEU B 443 24.09 -11.59 -6.65
C LEU B 443 25.58 -11.54 -6.24
N GLU B 444 26.07 -12.61 -5.64
CA GLU B 444 27.47 -12.67 -5.23
C GLU B 444 28.42 -12.61 -6.42
N LYS B 445 27.98 -13.15 -7.55
CA LYS B 445 28.70 -13.00 -8.83
C LYS B 445 28.81 -11.51 -9.19
N LYS B 446 27.67 -10.83 -9.19
CA LYS B 446 27.58 -9.40 -9.48
C LYS B 446 28.49 -8.56 -8.58
N LEU B 447 28.50 -8.87 -7.29
CA LEU B 447 29.25 -8.12 -6.28
C LEU B 447 30.73 -8.51 -6.23
N GLY B 448 31.05 -9.72 -6.69
CA GLY B 448 32.42 -10.26 -6.63
C GLY B 448 32.75 -10.99 -5.33
N LEU B 449 31.76 -11.70 -4.78
CA LEU B 449 31.93 -12.39 -3.49
C LEU B 449 31.95 -13.92 -3.60
PB ADP C . -12.46 17.32 -5.42
O1B ADP C . -13.36 18.27 -6.17
O2B ADP C . -13.18 16.24 -4.64
O3B ADP C . -11.33 16.82 -6.26
PA ADP C . -11.95 19.63 -3.68
O1A ADP C . -13.33 20.15 -4.01
O2A ADP C . -11.48 19.69 -2.24
O3A ADP C . -11.75 18.12 -4.21
O5' ADP C . -10.85 20.39 -4.58
C5' ADP C . -9.46 20.18 -4.34
C4' ADP C . -8.70 21.50 -4.24
O4' ADP C . -8.86 22.22 -5.45
C3' ADP C . -9.23 22.39 -3.13
O3' ADP C . -8.16 23.14 -2.56
C2' ADP C . -10.21 23.31 -3.87
O2' ADP C . -10.43 24.59 -3.23
C1' ADP C . -9.52 23.47 -5.22
N9 ADP C . -10.46 23.80 -6.32
C8 ADP C . -11.43 22.99 -6.80
N7 ADP C . -12.06 23.56 -7.85
C5 ADP C . -11.51 24.77 -8.06
C6 ADP C . -11.72 25.89 -9.01
N6 ADP C . -12.69 25.80 -9.95
N1 ADP C . -10.91 26.99 -8.91
C2 ADP C . -9.95 27.05 -7.97
N3 ADP C . -9.70 26.06 -7.06
C4 ADP C . -10.44 24.91 -7.06
PB ADP D . -17.85 22.54 -5.45
O1B ADP D . -17.36 23.60 -4.51
O2B ADP D . -17.61 22.96 -6.91
O3B ADP D . -17.38 21.12 -5.14
PA ADP D . -20.60 21.44 -5.37
O1A ADP D . -21.67 21.92 -6.32
O2A ADP D . -20.00 20.08 -5.65
O3A ADP D . -19.45 22.58 -5.23
O5' ADP D . -21.23 21.51 -3.89
C5' ADP D . -20.43 21.12 -2.78
C4' ADP D . -21.24 20.19 -1.89
O4' ADP D . -22.35 20.93 -1.36
C3' ADP D . -21.86 19.00 -2.61
O3' ADP D . -21.01 17.85 -2.58
C2' ADP D . -23.14 18.74 -1.83
O2' ADP D . -22.92 17.85 -0.74
C1' ADP D . -23.53 20.14 -1.34
N9 ADP D . -24.55 20.66 -2.30
C8 ADP D . -24.30 21.20 -3.52
N7 ADP D . -25.45 21.53 -4.17
C5 ADP D . -26.46 21.21 -3.33
C6 ADP D . -27.93 21.29 -3.38
N6 ADP D . -28.54 21.81 -4.47
N1 ADP D . -28.63 20.82 -2.31
C2 ADP D . -28.03 20.29 -1.21
N3 ADP D . -26.68 20.20 -1.10
C4 ADP D . -25.87 20.62 -2.12
CA CA E . -18.04 19.10 -5.99
CA CA F . -15.20 21.82 -10.66
CL CL G . 1.79 21.95 2.48
PB ADP H . 18.11 -22.06 5.57
O1B ADP H . 19.28 -21.33 6.15
O2B ADP H . 17.09 -21.17 4.92
O3B ADP H . 17.44 -23.02 6.55
PA ADP H . 18.36 -23.55 3.01
O1A ADP H . 18.49 -25.05 2.99
O2A ADP H . 17.06 -22.93 2.55
O3A ADP H . 18.81 -23.05 4.48
O5' ADP H . 19.52 -22.93 2.07
C5' ADP H . 19.67 -21.53 1.98
C4' ADP H . 19.99 -21.14 0.54
O4' ADP H . 21.20 -21.78 0.11
C3' ADP H . 18.91 -21.61 -0.43
O3' ADP H . 17.89 -20.62 -0.55
C2' ADP H . 19.67 -21.89 -1.71
O2' ADP H . 19.67 -20.74 -2.59
C1' ADP H . 21.08 -22.23 -1.24
N9 ADP H . 21.18 -23.70 -1.27
C8 ADP H . 20.68 -24.54 -0.32
N7 ADP H . 20.90 -25.83 -0.64
C5 ADP H . 21.55 -25.85 -1.82
C6 ADP H . 22.09 -26.90 -2.71
N6 ADP H . 21.94 -28.21 -2.38
N1 ADP H . 22.69 -26.49 -3.85
C2 ADP H . 22.83 -25.19 -4.18
N3 ADP H . 22.37 -24.20 -3.41
C4 ADP H . 21.73 -24.45 -2.24
PB ADP I . 12.57 -17.01 5.68
O1B ADP I . 13.10 -18.38 5.98
O2B ADP I . 11.26 -16.63 6.33
O3B ADP I . 12.59 -16.60 4.23
PA ADP I . 15.07 -16.08 6.98
O1A ADP I . 15.74 -17.37 6.59
O2A ADP I . 15.82 -14.81 6.71
O3A ADP I . 13.57 -15.93 6.39
O5' ADP I . 14.73 -16.16 8.56
C5' ADP I . 14.25 -15.02 9.28
C4' ADP I . 15.01 -14.85 10.60
O4' ADP I . 14.78 -16.03 11.37
C3' ADP I . 16.52 -14.75 10.43
O3' ADP I . 16.99 -13.83 11.43
C2' ADP I . 17.03 -16.16 10.67
O2' ADP I . 18.37 -16.28 11.19
C1' ADP I . 16.01 -16.68 11.68
N9 ADP I . 15.82 -18.15 11.63
C8 ADP I . 15.31 -18.85 10.60
N7 ADP I . 15.26 -20.17 10.92
C5 ADP I . 15.72 -20.31 12.17
C6 ADP I . 15.92 -21.44 13.13
N6 ADP I . 15.61 -22.71 12.77
N1 ADP I . 16.43 -21.14 14.35
C2 ADP I . 16.74 -19.88 14.73
N3 ADP I . 16.57 -18.82 13.92
C4 ADP I . 16.07 -18.97 12.66
CA CA J . 15.51 -21.55 3.39
CA CA K . 13.51 -23.66 8.72
CL CL L . 15.65 -3.36 15.43
CL CL M . 7.86 -3.43 16.75
#